data_3D3L
#
_entry.id   3D3L
#
_cell.length_a   59.590
_cell.length_b   70.153
_cell.length_c   77.868
_cell.angle_alpha   65.37
_cell.angle_beta   88.01
_cell.angle_gamma   69.82
#
_symmetry.space_group_name_H-M   'P 1'
#
loop_
_entity.id
_entity.type
_entity.pdbx_description
1 polymer 'Arachidonate 12-lipoxygenase, 12S-type'
2 non-polymer 'FE (III) ION'
3 water water
#
_entity_poly.entity_id   1
_entity_poly.type   'polypeptide(L)'
_entity_poly.pdbx_seq_one_letter_code
;MHHHHHHSSGVDLGTENLDFEWTLKAGALEMALKRVYTLLSSWNCLEDFDQIFWGQKSALAEKVRQCWQDDELFSYQFLN
GANPMLLRRSTSLPSRLVLPSGMEELRAQLEKELQNGSLFEADFILLDGIPANVIRGEKQYLAAPLVMLKMEPNGKLQPM
VIQIQPPNPSSPTPTLFLPSDPPLAWLLAKSWVRNSDFQLHEIQYHLLNTHLVAEVIAVATMRCLPGLHPIFKFLIPHIR
YTMEINTRARTQLISDGGIFDKAVSTGGGGHVQLLRRAAAQLTYCSLCPPDDLADRGLLGLPGALYAHDALRLWEIIARY
VEGIVHLFYQRDDIVKGDPELQAWCREITEVGLCQAQDRGFPVSFQSQSQLCHFLTMCVFTCTAQHAAINQGQLDWYAWV
PNAPCTMRMPPPTTKEDVTMATVMGSLPDVRQACLQMAISWHLSRRQPDMVPLGHHKEKYFSGPKPKAVLNQFRTDLEKL
EKEITARNEQLDWPYEYLKPSCIENSVTSDSKGGYGSEFELRRQACGRTRAPPPPPLRSGC
;
_entity_poly.pdbx_strand_id   A,B
#
# COMPACT_ATOMS: atom_id res chain seq x y z
N TRP A 22 28.72 6.53 26.93
CA TRP A 22 27.45 5.93 26.40
C TRP A 22 26.24 6.86 26.46
N THR A 23 26.36 7.97 27.17
CA THR A 23 25.28 8.91 27.31
C THR A 23 25.25 9.82 26.08
N LEU A 24 24.32 10.77 26.05
CA LEU A 24 24.27 11.80 25.03
C LEU A 24 24.81 13.14 25.55
N LYS A 25 25.76 13.08 26.48
CA LYS A 25 26.37 14.28 27.05
C LYS A 25 27.46 14.86 26.16
N ALA A 26 27.72 16.15 26.40
CA ALA A 26 28.87 16.91 25.89
C ALA A 26 29.58 16.33 24.66
N GLY A 27 30.63 15.53 24.83
CA GLY A 27 31.04 14.89 26.08
C GLY A 27 31.26 13.47 25.66
N ALA A 28 30.30 12.61 25.99
CA ALA A 28 30.13 11.32 25.34
C ALA A 28 29.99 11.49 23.81
N LEU A 29 29.23 12.49 23.38
CA LEU A 29 28.95 12.69 21.95
C LEU A 29 30.20 13.02 21.13
N GLU A 30 31.12 13.77 21.75
CA GLU A 30 32.40 14.10 21.17
C GLU A 30 33.25 12.84 20.99
N MET A 31 33.24 11.95 21.97
CA MET A 31 33.96 10.66 21.85
C MET A 31 33.35 9.78 20.77
N ALA A 32 32.03 9.85 20.62
CA ALA A 32 31.32 9.12 19.56
C ALA A 32 31.90 9.46 18.18
N LEU A 33 31.97 10.75 17.86
CA LEU A 33 32.48 11.22 16.56
C LEU A 33 33.90 10.76 16.27
N LYS A 34 34.77 10.80 17.26
CA LYS A 34 36.13 10.30 17.11
C LYS A 34 36.15 8.80 16.75
N ARG A 35 35.39 8.00 17.47
CA ARG A 35 35.32 6.58 17.17
C ARG A 35 34.76 6.31 15.78
N VAL A 36 33.87 7.18 15.32
CA VAL A 36 33.33 7.08 13.97
C VAL A 36 34.42 7.39 12.92
N TYR A 37 35.15 8.50 13.12
CA TYR A 37 36.28 8.82 12.22
C TYR A 37 37.29 7.68 12.16
N THR A 38 37.59 7.11 13.33
CA THR A 38 38.51 5.98 13.40
C THR A 38 38.04 4.81 12.57
N LEU A 39 36.74 4.50 12.61
CA LEU A 39 36.20 3.43 11.75
C LEU A 39 36.38 3.79 10.28
N LEU A 40 35.84 4.93 9.88
CA LEU A 40 35.91 5.41 8.50
C LEU A 40 37.35 5.46 7.97
N SER A 41 38.29 5.88 8.82
CA SER A 41 39.70 5.92 8.44
C SER A 41 40.16 4.59 7.91
N SER A 42 39.75 3.51 8.56
CA SER A 42 40.17 2.18 8.13
C SER A 42 39.69 1.80 6.73
N TRP A 43 38.84 2.62 6.10
CA TRP A 43 38.45 2.39 4.70
C TRP A 43 39.14 3.37 3.77
N ASN A 44 40.00 4.23 4.32
CA ASN A 44 40.83 5.09 3.48
C ASN A 44 42.07 4.28 3.06
N CYS A 45 41.82 3.33 2.16
CA CYS A 45 42.84 2.55 1.51
C CYS A 45 42.17 1.78 0.39
N LEU A 46 42.94 0.98 -0.34
CA LEU A 46 42.43 0.29 -1.52
C LEU A 46 41.69 -1.00 -1.20
N GLU A 47 41.08 -1.07 -0.02
CA GLU A 47 40.47 -2.29 0.49
C GLU A 47 39.56 -2.97 -0.54
N ASP A 48 38.58 -2.27 -1.10
CA ASP A 48 37.71 -2.88 -2.13
C ASP A 48 37.72 -2.01 -3.37
N PHE A 49 38.93 -1.65 -3.80
CA PHE A 49 39.12 -0.63 -4.83
C PHE A 49 38.35 -0.94 -6.12
N ASP A 50 38.42 -2.21 -6.52
CA ASP A 50 37.76 -2.74 -7.71
C ASP A 50 36.23 -2.50 -7.71
N GLN A 51 35.63 -2.44 -6.53
CA GLN A 51 34.22 -2.78 -6.38
C GLN A 51 33.08 -1.73 -6.43
N ILE A 52 33.11 -0.59 -5.73
CA ILE A 52 34.11 0.45 -5.73
C ILE A 52 34.27 1.36 -6.96
N PHE A 53 35.47 1.46 -7.53
CA PHE A 53 35.73 2.47 -8.54
C PHE A 53 35.83 1.87 -9.94
N TRP A 54 35.68 0.55 -10.03
CA TRP A 54 35.79 -0.17 -11.29
C TRP A 54 34.54 -1.02 -11.57
N GLY A 55 34.04 -1.72 -10.55
CA GLY A 55 32.89 -2.60 -10.71
C GLY A 55 31.59 -1.94 -11.11
N GLN A 56 30.55 -2.75 -11.27
CA GLN A 56 29.23 -2.22 -11.61
C GLN A 56 28.66 -1.54 -10.36
N LYS A 57 28.08 -0.36 -10.57
CA LYS A 57 27.39 0.36 -9.50
C LYS A 57 25.93 -0.02 -9.59
N SER A 58 25.14 0.33 -8.57
CA SER A 58 23.73 -0.10 -8.52
C SER A 58 22.92 0.47 -9.67
N ALA A 59 21.84 -0.23 -10.03
CA ALA A 59 20.90 0.23 -11.05
C ALA A 59 20.40 1.64 -10.73
N LEU A 60 20.14 1.89 -9.45
CA LEU A 60 19.63 3.18 -8.98
C LEU A 60 20.73 4.25 -9.04
N ALA A 61 21.91 3.91 -8.55
CA ALA A 61 23.06 4.80 -8.66
C ALA A 61 23.21 5.27 -10.10
N GLU A 62 23.09 4.34 -11.04
CA GLU A 62 23.22 4.69 -12.45
C GLU A 62 22.04 5.52 -12.94
N LYS A 63 20.87 5.33 -12.35
CA LYS A 63 19.73 6.20 -12.62
C LYS A 63 19.97 7.61 -12.08
N VAL A 64 20.46 7.70 -10.84
CA VAL A 64 20.77 9.00 -10.22
C VAL A 64 21.77 9.80 -11.06
N ARG A 65 22.87 9.16 -11.42
CA ARG A 65 23.91 9.82 -12.21
C ARG A 65 23.35 10.64 -13.37
N GLN A 66 22.35 10.11 -14.07
CA GLN A 66 21.84 10.76 -15.27
C GLN A 66 20.67 11.73 -15.05
N CYS A 67 19.95 11.62 -13.94
CA CYS A 67 18.79 12.50 -13.67
C CYS A 67 18.95 13.46 -12.47
N TRP A 68 20.13 13.52 -11.87
CA TRP A 68 20.31 14.30 -10.64
C TRP A 68 19.93 15.80 -10.74
N GLN A 69 20.08 16.38 -11.93
CA GLN A 69 19.70 17.78 -12.19
C GLN A 69 18.21 17.97 -12.40
N ASP A 70 17.49 16.87 -12.57
CA ASP A 70 16.04 16.90 -12.74
C ASP A 70 15.38 17.34 -11.42
N ASP A 71 14.63 18.43 -11.46
CA ASP A 71 13.98 18.96 -10.26
C ASP A 71 13.13 17.93 -9.53
N GLU A 72 12.50 17.03 -10.28
CA GLU A 72 11.71 15.96 -9.67
C GLU A 72 12.56 14.98 -8.87
N LEU A 73 13.73 14.62 -9.38
CA LEU A 73 14.63 13.72 -8.64
C LEU A 73 15.19 14.40 -7.39
N PHE A 74 15.45 15.69 -7.50
CA PHE A 74 15.79 16.52 -6.35
C PHE A 74 14.70 16.40 -5.30
N SER A 75 13.47 16.64 -5.72
CA SER A 75 12.34 16.64 -4.81
C SER A 75 12.05 15.25 -4.26
N TYR A 76 11.93 14.30 -5.17
CA TYR A 76 11.60 12.91 -4.84
C TYR A 76 12.35 12.38 -3.60
N GLN A 77 13.64 12.70 -3.49
CA GLN A 77 14.49 12.17 -2.41
C GLN A 77 14.04 12.54 -1.00
N PHE A 78 13.34 13.66 -0.87
CA PHE A 78 12.75 14.06 0.40
C PHE A 78 11.73 13.03 0.88
N LEU A 79 11.10 12.32 -0.05
CA LEU A 79 10.17 11.22 0.30
C LEU A 79 10.82 9.84 0.39
N ASN A 80 11.63 9.48 -0.60
CA ASN A 80 12.09 8.09 -0.73
C ASN A 80 13.59 7.90 -0.92
N GLY A 81 14.37 8.94 -0.63
CA GLY A 81 15.82 8.90 -0.80
C GLY A 81 16.49 8.35 0.43
N ALA A 82 17.79 8.58 0.55
CA ALA A 82 18.59 8.17 1.72
C ALA A 82 18.08 8.74 3.06
N ASN A 83 17.51 9.95 3.04
CA ASN A 83 16.98 10.60 4.25
C ASN A 83 15.57 11.10 4.04
N PRO A 84 14.57 10.27 4.32
CA PRO A 84 13.17 10.70 4.27
C PRO A 84 12.58 11.19 5.61
N MET A 85 13.37 11.85 6.44
CA MET A 85 12.96 12.18 7.82
C MET A 85 12.72 13.68 8.09
N LEU A 86 12.98 14.51 7.09
CA LEU A 86 12.99 15.96 7.25
C LEU A 86 11.73 16.60 6.71
N LEU A 87 11.30 16.13 5.53
CA LEU A 87 10.17 16.71 4.81
C LEU A 87 8.98 16.86 5.72
N ARG A 88 8.22 17.90 5.48
CA ARG A 88 7.02 18.19 6.27
C ARG A 88 5.96 18.84 5.37
N ARG A 89 4.68 18.59 5.67
CA ARG A 89 3.62 19.39 5.07
C ARG A 89 3.41 20.61 5.91
N SER A 90 3.54 21.79 5.30
CA SER A 90 3.43 23.05 6.02
C SER A 90 1.97 23.31 6.38
N THR A 91 1.77 23.89 7.56
CA THR A 91 0.47 24.39 7.97
C THR A 91 0.47 25.94 7.86
N SER A 92 1.59 26.56 8.21
CA SER A 92 1.86 27.98 7.91
C SER A 92 3.20 28.16 7.22
N LEU A 93 3.36 29.28 6.51
CA LEU A 93 4.61 29.58 5.83
C LEU A 93 5.68 29.90 6.88
N PRO A 94 6.90 29.35 6.73
CA PRO A 94 7.89 29.55 7.80
C PRO A 94 8.20 31.02 8.02
N SER A 95 8.25 31.46 9.29
CA SER A 95 8.62 32.84 9.61
C SER A 95 9.98 33.25 9.02
N ARG A 96 10.88 32.28 8.83
CA ARG A 96 12.16 32.55 8.20
C ARG A 96 12.04 32.89 6.74
N LEU A 97 10.93 32.55 6.12
CA LEU A 97 10.79 32.78 4.70
C LEU A 97 10.32 34.21 4.43
N VAL A 98 11.25 35.16 4.60
CA VAL A 98 10.98 36.57 4.30
C VAL A 98 10.93 36.81 2.78
N LEU A 99 9.79 37.26 2.27
CA LEU A 99 9.67 37.47 0.83
C LEU A 99 9.88 38.94 0.43
N PRO A 100 10.93 39.22 -0.37
CA PRO A 100 11.19 40.60 -0.74
C PRO A 100 10.05 41.25 -1.53
N SER A 101 9.94 42.57 -1.39
CA SER A 101 9.03 43.37 -2.22
C SER A 101 9.23 42.99 -3.69
N GLY A 102 8.13 42.87 -4.42
CA GLY A 102 8.21 42.55 -5.84
C GLY A 102 8.47 41.08 -6.09
N MET A 103 7.85 40.23 -5.27
CA MET A 103 7.66 38.82 -5.61
C MET A 103 6.22 38.46 -5.26
N GLU A 104 5.29 39.26 -5.78
CA GLU A 104 3.85 38.99 -5.65
C GLU A 104 3.47 37.59 -6.15
N GLU A 105 4.24 37.08 -7.11
CA GLU A 105 3.93 35.82 -7.74
C GLU A 105 4.32 34.63 -6.87
N LEU A 106 5.46 34.70 -6.20
CA LEU A 106 5.85 33.66 -5.27
C LEU A 106 4.84 33.65 -4.13
N ARG A 107 4.60 34.85 -3.59
CA ARG A 107 3.54 35.09 -2.60
C ARG A 107 2.27 34.33 -2.95
N ALA A 108 1.68 34.68 -4.09
CA ALA A 108 0.38 34.14 -4.48
C ALA A 108 0.40 32.63 -4.62
N GLN A 109 1.52 32.09 -5.10
CA GLN A 109 1.63 30.66 -5.33
C GLN A 109 1.86 29.86 -4.05
N LEU A 110 2.67 30.38 -3.13
CA LEU A 110 2.78 29.75 -1.81
C LEU A 110 1.43 29.78 -1.13
N GLU A 111 0.76 30.93 -1.23
CA GLU A 111 -0.58 31.07 -0.65
C GLU A 111 -1.52 30.04 -1.26
N LYS A 112 -1.60 30.02 -2.58
CA LYS A 112 -2.43 29.05 -3.29
C LYS A 112 -2.23 27.63 -2.74
N GLU A 113 -0.97 27.20 -2.62
CA GLU A 113 -0.66 25.84 -2.20
C GLU A 113 -1.01 25.54 -0.75
N LEU A 114 -0.71 26.47 0.17
CA LEU A 114 -1.03 26.27 1.60
C LEU A 114 -2.53 26.17 1.84
N GLN A 115 -3.29 26.95 1.09
CA GLN A 115 -4.75 26.87 1.13
C GLN A 115 -5.27 25.56 0.59
N ASN A 116 -4.57 24.99 -0.38
CA ASN A 116 -4.95 23.70 -0.96
C ASN A 116 -4.48 22.49 -0.15
N GLY A 117 -3.72 22.72 0.92
CA GLY A 117 -3.12 21.62 1.69
C GLY A 117 -2.01 20.92 0.91
N SER A 118 -1.45 21.63 -0.07
CA SER A 118 -0.48 21.04 -1.00
C SER A 118 0.96 21.50 -0.85
N LEU A 119 1.22 22.40 0.11
CA LEU A 119 2.55 22.98 0.32
C LEU A 119 3.34 22.10 1.30
N PHE A 120 4.60 21.84 0.95
CA PHE A 120 5.50 21.08 1.81
C PHE A 120 6.79 21.86 2.01
N GLU A 121 7.59 21.42 2.97
CA GLU A 121 8.86 22.10 3.27
C GLU A 121 9.97 21.15 3.75
N ALA A 122 11.20 21.51 3.43
CA ALA A 122 12.38 20.89 4.00
C ALA A 122 13.17 22.02 4.65
N ASP A 123 13.09 22.10 5.97
CA ASP A 123 13.71 23.17 6.72
C ASP A 123 14.96 22.62 7.40
N PHE A 124 16.12 23.19 7.07
CA PHE A 124 17.41 22.70 7.57
C PHE A 124 18.01 23.60 8.66
N ILE A 125 17.14 24.14 9.53
CA ILE A 125 17.56 25.18 10.47
C ILE A 125 18.53 24.73 11.54
N LEU A 126 18.51 23.46 11.90
CA LEU A 126 19.41 22.94 12.92
C LEU A 126 20.89 23.26 12.59
N LEU A 127 21.18 23.47 11.30
CA LEU A 127 22.52 23.83 10.85
C LEU A 127 22.84 25.33 11.02
N ASP A 128 21.80 26.15 11.15
CA ASP A 128 21.95 27.59 11.30
C ASP A 128 23.00 27.92 12.36
N GLY A 129 23.99 28.73 12.00
CA GLY A 129 24.97 29.22 12.96
C GLY A 129 26.20 28.35 13.19
N ILE A 130 26.22 27.13 12.68
CA ILE A 130 27.40 26.29 12.81
C ILE A 130 28.46 26.65 11.76
N PRO A 131 29.72 26.84 12.19
CA PRO A 131 30.83 26.80 11.21
C PRO A 131 31.33 25.36 11.02
N ALA A 132 32.03 25.08 9.92
CA ALA A 132 32.62 23.73 9.70
C ALA A 132 34.12 23.83 9.42
N GLU A 138 41.99 22.44 6.23
CA GLU A 138 40.78 21.75 5.83
C GLU A 138 39.53 22.52 6.29
N LYS A 139 39.04 23.44 5.44
CA LYS A 139 37.96 24.40 5.78
C LYS A 139 36.67 24.19 4.97
N GLN A 140 35.63 23.64 5.62
CA GLN A 140 34.34 23.36 4.97
C GLN A 140 33.24 24.34 5.39
N TYR A 141 32.44 24.76 4.40
CA TYR A 141 31.38 25.73 4.62
C TYR A 141 29.99 25.08 4.74
N LEU A 142 29.26 25.52 5.76
CA LEU A 142 27.89 25.08 6.02
C LEU A 142 26.87 26.17 5.72
N ALA A 143 25.65 25.73 5.40
CA ALA A 143 24.49 26.60 5.27
C ALA A 143 23.28 25.89 5.90
N ALA A 144 22.22 26.64 6.13
CA ALA A 144 21.04 26.11 6.81
C ALA A 144 19.80 26.48 6.01
N PRO A 145 19.62 25.84 4.84
CA PRO A 145 18.59 26.29 3.91
C PRO A 145 17.16 25.91 4.25
N LEU A 146 16.24 26.50 3.49
CA LEU A 146 14.85 26.09 3.49
C LEU A 146 14.45 25.91 2.03
N VAL A 147 13.78 24.79 1.76
CA VAL A 147 13.16 24.51 0.47
C VAL A 147 11.65 24.40 0.67
N MET A 148 10.89 25.09 -0.18
CA MET A 148 9.42 24.96 -0.22
C MET A 148 9.02 24.24 -1.49
N LEU A 149 8.29 23.14 -1.34
CA LEU A 149 7.88 22.30 -2.48
C LEU A 149 6.37 22.16 -2.55
N LYS A 150 5.84 22.05 -3.76
CA LYS A 150 4.41 21.80 -3.94
C LYS A 150 4.22 20.37 -4.38
N MET A 151 3.15 19.75 -3.92
CA MET A 151 2.76 18.48 -4.46
C MET A 151 1.52 18.68 -5.28
N GLU A 152 1.53 18.11 -6.47
CA GLU A 152 0.37 18.19 -7.35
C GLU A 152 -0.43 16.88 -7.30
N PRO A 153 -1.67 16.90 -7.83
CA PRO A 153 -2.53 15.71 -7.73
C PRO A 153 -1.82 14.47 -8.23
N ASN A 154 -0.99 14.67 -9.24
CA ASN A 154 -0.03 13.69 -9.73
C ASN A 154 0.57 12.77 -8.67
N GLY A 155 0.99 13.38 -7.57
CA GLY A 155 1.81 12.72 -6.57
C GLY A 155 3.15 13.42 -6.50
N LYS A 156 3.57 14.02 -7.62
CA LYS A 156 4.94 14.50 -7.72
C LYS A 156 5.20 15.86 -7.02
N LEU A 157 6.37 15.95 -6.37
CA LEU A 157 6.79 17.15 -5.66
C LEU A 157 7.63 18.01 -6.59
N GLN A 158 7.31 19.31 -6.65
CA GLN A 158 8.04 20.25 -7.48
C GLN A 158 8.49 21.41 -6.62
N PRO A 159 9.78 21.78 -6.71
CA PRO A 159 10.29 22.85 -5.88
C PRO A 159 9.82 24.24 -6.32
N MET A 160 9.62 25.12 -5.34
CA MET A 160 9.13 26.47 -5.59
C MET A 160 10.19 27.56 -5.30
N VAL A 161 10.93 27.38 -4.22
CA VAL A 161 11.93 28.36 -3.85
C VAL A 161 12.91 27.76 -2.83
N ILE A 162 14.20 28.07 -2.99
CA ILE A 162 15.22 27.77 -1.99
C ILE A 162 15.72 29.08 -1.37
N GLN A 163 15.81 29.07 -0.05
CA GLN A 163 16.51 30.11 0.70
C GLN A 163 17.67 29.39 1.38
N ILE A 164 18.89 29.86 1.14
CA ILE A 164 20.08 29.12 1.51
C ILE A 164 20.51 29.45 2.94
N GLN A 165 20.53 30.74 3.28
CA GLN A 165 20.70 31.14 4.68
C GLN A 165 19.42 31.78 5.21
N PRO A 166 19.16 31.58 6.50
CA PRO A 166 18.05 32.26 7.11
C PRO A 166 18.37 33.73 7.38
N PRO A 167 17.32 34.57 7.48
CA PRO A 167 17.43 35.96 7.90
C PRO A 167 18.24 36.14 9.18
N ASN A 168 18.92 37.27 9.27
CA ASN A 168 19.83 37.54 10.38
C ASN A 168 20.57 38.81 10.11
N PRO A 169 20.87 39.62 11.13
CA PRO A 169 20.15 40.84 11.36
C PRO A 169 20.81 41.86 10.37
N SER A 170 21.90 41.43 9.68
CA SER A 170 22.45 42.11 8.49
C SER A 170 22.16 41.47 7.07
N SER A 171 21.51 40.30 7.03
CA SER A 171 20.56 39.91 5.94
C SER A 171 19.37 39.39 6.76
N PRO A 172 18.34 40.21 7.01
CA PRO A 172 17.20 40.88 6.48
C PRO A 172 16.47 40.06 5.45
N THR A 173 16.92 40.01 4.21
CA THR A 173 16.15 39.30 3.20
C THR A 173 17.05 38.50 2.28
N PRO A 174 17.56 37.36 2.78
CA PRO A 174 18.26 36.38 1.99
C PRO A 174 17.69 36.21 0.59
N THR A 175 18.55 36.07 -0.41
CA THR A 175 18.07 35.88 -1.78
C THR A 175 17.18 34.64 -1.87
N LEU A 176 16.19 34.70 -2.75
CA LEU A 176 15.30 33.59 -2.97
C LEU A 176 15.58 32.97 -4.35
N PHE A 177 16.14 31.77 -4.35
CA PHE A 177 16.52 31.12 -5.59
C PHE A 177 15.31 30.32 -6.07
N LEU A 178 15.09 30.35 -7.39
CA LEU A 178 13.88 29.84 -8.00
C LEU A 178 14.23 28.97 -9.21
N PRO A 179 13.36 27.99 -9.53
CA PRO A 179 13.60 27.13 -10.70
C PRO A 179 13.78 27.87 -12.01
N SER A 180 13.23 29.07 -12.12
CA SER A 180 13.33 29.93 -13.32
C SER A 180 14.60 30.76 -13.40
N ASP A 181 15.46 30.68 -12.39
CA ASP A 181 16.69 31.48 -12.36
C ASP A 181 17.74 30.98 -13.36
N PRO A 182 18.84 31.75 -13.54
CA PRO A 182 20.02 31.23 -14.23
C PRO A 182 20.30 29.80 -13.84
N PRO A 183 20.31 28.88 -14.83
CA PRO A 183 20.41 27.45 -14.48
C PRO A 183 21.50 27.14 -13.46
N LEU A 184 22.69 27.72 -13.62
CA LEU A 184 23.82 27.38 -12.74
C LEU A 184 23.67 27.88 -11.31
N ALA A 185 22.88 28.94 -11.15
CA ALA A 185 22.48 29.43 -9.81
C ALA A 185 21.45 28.50 -9.14
N TRP A 186 20.49 28.02 -9.92
CA TRP A 186 19.46 27.11 -9.38
C TRP A 186 20.13 25.81 -8.93
N LEU A 187 21.11 25.36 -9.71
CA LEU A 187 21.82 24.11 -9.44
C LEU A 187 22.69 24.27 -8.20
N LEU A 188 23.38 25.41 -8.11
CA LEU A 188 24.18 25.71 -6.93
C LEU A 188 23.28 25.78 -5.69
N ALA A 189 22.09 26.37 -5.84
CA ALA A 189 21.14 26.44 -4.72
C ALA A 189 20.70 25.05 -4.30
N LYS A 190 20.25 24.26 -5.27
CA LYS A 190 19.85 22.87 -5.01
C LYS A 190 20.98 22.09 -4.34
N SER A 191 22.19 22.26 -4.86
CA SER A 191 23.36 21.49 -4.42
C SER A 191 23.68 21.74 -2.97
N TRP A 192 23.63 23.00 -2.56
CA TRP A 192 23.65 23.39 -1.14
C TRP A 192 22.53 22.73 -0.31
N VAL A 193 21.33 22.63 -0.87
CA VAL A 193 20.29 21.88 -0.18
C VAL A 193 20.72 20.42 0.02
N ARG A 194 21.38 19.81 -0.96
CA ARG A 194 21.78 18.40 -0.85
C ARG A 194 22.93 18.23 0.15
N ASN A 195 23.92 19.10 0.08
CA ASN A 195 24.94 19.12 1.10
C ASN A 195 24.35 19.20 2.52
N SER A 196 23.43 20.15 2.73
CA SER A 196 22.76 20.26 4.03
C SER A 196 22.02 18.99 4.40
N ASP A 197 21.35 18.36 3.41
CA ASP A 197 20.68 17.08 3.62
C ASP A 197 21.69 15.99 3.99
N PHE A 198 22.81 15.92 3.27
CA PHE A 198 23.91 15.03 3.66
C PHE A 198 24.29 15.19 5.14
N GLN A 199 24.42 16.42 5.62
CA GLN A 199 24.86 16.67 7.01
C GLN A 199 23.84 16.15 7.99
N LEU A 200 22.61 16.64 7.90
CA LEU A 200 21.59 16.25 8.87
C LEU A 200 21.37 14.74 8.81
N HIS A 201 21.37 14.19 7.60
CA HIS A 201 21.12 12.76 7.42
C HIS A 201 22.06 11.90 8.22
N GLU A 202 23.35 12.20 8.15
CA GLU A 202 24.36 11.35 8.77
C GLU A 202 24.55 11.63 10.25
N ILE A 203 24.64 12.90 10.63
CA ILE A 203 24.82 13.26 12.06
C ILE A 203 23.55 12.97 12.87
N GLN A 204 22.44 13.58 12.49
CA GLN A 204 21.19 13.49 13.24
C GLN A 204 20.48 12.16 13.06
N TYR A 205 20.14 11.83 11.83
CA TYR A 205 19.21 10.71 11.59
C TYR A 205 19.86 9.35 11.59
N HIS A 206 21.15 9.28 11.24
CA HIS A 206 21.89 8.02 11.26
C HIS A 206 22.68 7.84 12.58
N LEU A 207 23.67 8.69 12.82
CA LEU A 207 24.52 8.51 13.99
C LEU A 207 23.74 8.60 15.29
N LEU A 208 23.11 9.74 15.51
CA LEU A 208 22.33 9.94 16.73
C LEU A 208 21.14 9.01 16.79
N ASN A 209 20.18 9.21 15.89
CA ASN A 209 18.85 8.61 16.07
C ASN A 209 18.83 7.09 16.02
N THR A 210 19.76 6.48 15.27
CA THR A 210 19.82 5.01 15.24
C THR A 210 20.99 4.50 16.09
N HIS A 211 22.22 4.83 15.71
CA HIS A 211 23.36 4.30 16.43
C HIS A 211 23.39 4.72 17.93
N LEU A 212 23.50 6.01 18.22
CA LEU A 212 23.70 6.43 19.61
C LEU A 212 22.51 6.13 20.52
N VAL A 213 21.29 6.19 19.97
CA VAL A 213 20.09 5.85 20.73
C VAL A 213 20.08 4.35 21.01
N ALA A 214 20.63 3.57 20.07
CA ALA A 214 20.87 2.14 20.27
C ALA A 214 21.84 1.86 21.43
N GLU A 215 22.91 2.64 21.50
CA GLU A 215 23.91 2.47 22.56
C GLU A 215 23.27 2.72 23.94
N VAL A 216 22.39 3.70 24.01
CA VAL A 216 21.68 4.02 25.25
C VAL A 216 20.77 2.86 25.64
N ILE A 217 19.93 2.43 24.71
CA ILE A 217 19.07 1.28 24.98
C ILE A 217 19.90 0.08 25.42
N ALA A 218 20.96 -0.24 24.67
CA ALA A 218 21.82 -1.39 24.99
C ALA A 218 22.33 -1.41 26.44
N VAL A 219 23.11 -0.39 26.82
CA VAL A 219 23.72 -0.31 28.15
C VAL A 219 22.68 -0.37 29.25
N ALA A 220 21.60 0.40 29.06
CA ALA A 220 20.51 0.46 30.03
C ALA A 220 19.89 -0.93 30.25
N THR A 221 19.77 -1.72 29.18
CA THR A 221 19.34 -3.12 29.33
C THR A 221 20.37 -3.88 30.19
N MET A 222 21.64 -3.79 29.82
CA MET A 222 22.72 -4.45 30.58
C MET A 222 22.72 -3.98 32.03
N ARG A 223 22.53 -2.70 32.25
CA ARG A 223 22.58 -2.12 33.60
C ARG A 223 21.43 -2.52 34.54
N CYS A 224 20.18 -2.48 34.05
CA CYS A 224 19.00 -2.58 34.94
C CYS A 224 18.21 -3.86 34.87
N LEU A 225 18.49 -4.69 33.87
CA LEU A 225 17.72 -5.91 33.68
C LEU A 225 18.65 -7.12 33.68
N PRO A 226 18.41 -8.08 34.59
CA PRO A 226 19.14 -9.34 34.53
C PRO A 226 18.74 -10.14 33.29
N GLY A 227 19.64 -11.03 32.88
CA GLY A 227 19.52 -11.71 31.59
C GLY A 227 18.27 -12.53 31.37
N LEU A 228 17.72 -13.04 32.46
CA LEU A 228 16.50 -13.81 32.41
C LEU A 228 15.26 -12.92 32.60
N HIS A 229 15.48 -11.63 32.81
CA HIS A 229 14.37 -10.68 32.77
C HIS A 229 13.72 -10.74 31.39
N PRO A 230 12.38 -10.89 31.34
CA PRO A 230 11.74 -11.21 30.06
C PRO A 230 12.02 -10.23 28.92
N ILE A 231 12.02 -8.92 29.19
CA ILE A 231 12.29 -7.95 28.13
C ILE A 231 13.78 -7.87 27.75
N PHE A 232 14.67 -8.37 28.62
CA PHE A 232 16.09 -8.52 28.25
C PHE A 232 16.18 -9.60 27.18
N LYS A 233 15.57 -10.74 27.45
CA LYS A 233 15.44 -11.82 26.48
C LYS A 233 14.84 -11.34 25.14
N PHE A 234 13.88 -10.43 25.23
CA PHE A 234 13.19 -9.90 24.05
C PHE A 234 14.07 -8.98 23.24
N LEU A 235 14.77 -8.09 23.93
CA LEU A 235 15.57 -7.06 23.30
C LEU A 235 16.91 -7.58 22.81
N ILE A 236 17.46 -8.59 23.48
CA ILE A 236 18.88 -8.94 23.27
C ILE A 236 19.31 -9.25 21.83
N PRO A 237 18.55 -10.07 21.07
CA PRO A 237 19.03 -10.29 19.69
C PRO A 237 19.13 -9.04 18.82
N HIS A 238 18.76 -7.88 19.37
CA HIS A 238 18.77 -6.65 18.60
C HIS A 238 19.83 -5.67 19.06
N ILE A 239 20.64 -6.06 20.05
CA ILE A 239 21.56 -5.11 20.67
C ILE A 239 22.87 -5.69 21.23
N ARG A 240 23.51 -6.62 20.54
CA ARG A 240 24.89 -7.01 20.92
C ARG A 240 25.88 -6.55 19.83
N TYR A 241 26.60 -5.44 20.04
CA TYR A 241 26.61 -4.64 21.28
C TYR A 241 26.50 -3.15 20.95
N GLY A 269 34.01 19.13 14.54
CA GLY A 269 33.74 19.88 15.76
C GLY A 269 33.16 21.29 15.57
N GLY A 270 31.92 21.42 15.06
CA GLY A 270 31.05 20.27 14.82
C GLY A 270 30.11 20.38 13.64
N HIS A 271 29.37 19.31 13.31
CA HIS A 271 29.48 17.95 13.89
C HIS A 271 29.16 17.82 15.39
N VAL A 272 30.17 17.93 16.27
CA VAL A 272 29.95 18.10 17.73
C VAL A 272 28.80 19.06 18.03
N GLN A 273 28.94 20.32 17.61
CA GLN A 273 27.84 21.28 17.65
C GLN A 273 26.54 20.64 17.20
N LEU A 274 26.51 20.21 15.94
CA LEU A 274 25.29 19.68 15.33
C LEU A 274 24.74 18.46 16.08
N LEU A 275 25.65 17.58 16.49
CA LEU A 275 25.27 16.34 17.19
C LEU A 275 24.69 16.66 18.55
N ARG A 276 25.25 17.69 19.20
CA ARG A 276 24.74 18.14 20.49
C ARG A 276 23.32 18.71 20.36
N ARG A 277 23.10 19.57 19.36
CA ARG A 277 21.77 20.12 19.08
C ARG A 277 20.78 19.04 18.72
N ALA A 278 21.11 18.20 17.73
CA ALA A 278 20.31 17.02 17.43
C ALA A 278 19.88 16.29 18.70
N ALA A 279 20.85 15.85 19.49
CA ALA A 279 20.54 15.15 20.75
C ALA A 279 19.68 16.00 21.66
N ALA A 280 19.84 17.32 21.58
CA ALA A 280 18.99 18.23 22.33
C ALA A 280 17.52 18.13 21.93
N GLN A 281 17.23 18.10 20.62
CA GLN A 281 15.84 18.06 20.15
C GLN A 281 15.36 16.67 19.75
N LEU A 282 15.96 15.63 20.33
CA LEU A 282 15.46 14.27 20.09
C LEU A 282 14.20 14.11 20.91
N THR A 283 13.07 13.90 20.23
CA THR A 283 11.83 13.60 20.92
C THR A 283 11.46 12.15 20.71
N TYR A 284 10.54 11.70 21.53
CA TYR A 284 10.08 10.33 21.54
C TYR A 284 9.25 10.04 20.30
N CYS A 285 8.47 11.04 19.90
CA CYS A 285 7.56 10.89 18.77
C CYS A 285 8.32 10.86 17.46
N SER A 286 9.46 11.55 17.41
CA SER A 286 10.31 11.52 16.23
C SER A 286 10.75 10.09 15.89
N LEU A 287 10.99 9.28 16.93
CA LEU A 287 11.39 7.87 16.79
C LEU A 287 10.23 6.88 16.63
N CYS A 288 8.98 7.36 16.50
CA CYS A 288 7.82 6.47 16.35
C CYS A 288 7.04 6.83 15.08
N PRO A 289 7.24 6.05 14.01
CA PRO A 289 6.55 6.26 12.72
C PRO A 289 5.08 6.74 12.75
N PRO A 290 4.19 6.03 13.47
CA PRO A 290 2.80 6.53 13.48
C PRO A 290 2.71 7.96 13.97
N ASP A 291 3.41 8.27 15.07
CA ASP A 291 3.49 9.60 15.61
C ASP A 291 4.18 10.52 14.59
N ASP A 292 5.39 10.12 14.18
CA ASP A 292 6.27 10.92 13.31
C ASP A 292 5.66 11.26 11.96
N LEU A 293 5.20 10.26 11.23
CA LEU A 293 4.57 10.49 9.93
C LEU A 293 3.30 11.30 10.12
N ALA A 294 2.58 11.05 11.21
CA ALA A 294 1.42 11.89 11.56
C ALA A 294 1.85 13.35 11.85
N ASP A 295 2.91 13.56 12.62
CA ASP A 295 3.30 14.94 13.00
C ASP A 295 3.85 15.75 11.84
N ARG A 296 4.26 15.08 10.77
CA ARG A 296 4.87 15.71 9.59
C ARG A 296 3.93 15.69 8.38
N GLY A 297 2.70 15.23 8.59
CA GLY A 297 1.68 15.25 7.57
C GLY A 297 1.94 14.31 6.39
N LEU A 298 2.72 13.26 6.61
CA LEU A 298 3.09 12.35 5.54
C LEU A 298 2.13 11.16 5.47
N LEU A 299 1.15 11.12 6.37
CA LEU A 299 0.07 10.15 6.23
C LEU A 299 -0.81 10.54 5.03
N GLY A 300 -1.51 9.55 4.50
CA GLY A 300 -2.37 9.75 3.34
C GLY A 300 -1.62 10.27 2.14
N LEU A 301 -0.45 9.67 1.89
CA LEU A 301 0.39 10.01 0.74
C LEU A 301 0.80 8.71 0.05
N PRO A 302 0.07 8.34 -1.01
CA PRO A 302 0.21 7.03 -1.69
C PRO A 302 1.61 6.74 -2.29
N GLY A 303 2.28 7.76 -2.77
CA GLY A 303 3.69 7.65 -3.21
C GLY A 303 4.75 7.85 -2.13
N ALA A 304 4.34 7.94 -0.87
CA ALA A 304 5.32 8.02 0.23
C ALA A 304 5.69 6.60 0.67
N LEU A 305 6.67 6.01 -0.01
CA LEU A 305 6.94 4.57 0.15
C LEU A 305 7.70 4.24 1.43
N TYR A 306 8.65 5.10 1.81
CA TYR A 306 9.25 4.99 3.14
C TYR A 306 8.13 5.04 4.19
N ALA A 307 7.28 6.06 4.11
CA ALA A 307 6.18 6.21 5.08
C ALA A 307 5.28 4.95 5.14
N HIS A 308 4.87 4.47 3.97
CA HIS A 308 4.01 3.30 3.89
C HIS A 308 4.67 2.08 4.54
N ASP A 309 5.91 1.81 4.12
CA ASP A 309 6.63 0.65 4.60
C ASP A 309 6.94 0.74 6.08
N ALA A 310 7.52 1.85 6.51
CA ALA A 310 7.82 2.06 7.93
C ALA A 310 6.62 1.78 8.80
N LEU A 311 5.48 2.36 8.41
CA LEU A 311 4.22 2.26 9.14
C LEU A 311 3.66 0.81 9.15
N ARG A 312 3.81 0.13 8.01
CA ARG A 312 3.38 -1.25 7.86
C ARG A 312 4.30 -2.20 8.65
N LEU A 313 5.56 -1.81 8.85
CA LEU A 313 6.48 -2.54 9.75
C LEU A 313 6.15 -2.30 11.21
N TRP A 314 5.89 -1.04 11.55
CA TRP A 314 5.54 -0.67 12.91
C TRP A 314 4.44 -1.58 13.45
N GLU A 315 3.38 -1.74 12.66
CA GLU A 315 2.25 -2.63 12.99
C GLU A 315 2.68 -4.09 13.19
N ILE A 316 3.69 -4.55 12.45
CA ILE A 316 4.18 -5.93 12.63
C ILE A 316 4.97 -6.06 13.93
N ILE A 317 5.92 -5.17 14.13
CA ILE A 317 6.69 -5.11 15.38
C ILE A 317 5.76 -4.98 16.59
N ALA A 318 4.83 -4.02 16.51
CA ALA A 318 3.84 -3.78 17.57
C ALA A 318 3.09 -5.06 17.96
N ARG A 319 2.56 -5.76 16.97
CA ARG A 319 1.81 -6.99 17.21
C ARG A 319 2.71 -8.04 17.84
N TYR A 320 3.91 -8.18 17.33
CA TYR A 320 4.92 -9.07 17.92
C TYR A 320 5.26 -8.66 19.34
N VAL A 321 5.52 -7.37 19.55
CA VAL A 321 5.77 -6.83 20.89
C VAL A 321 4.62 -7.14 21.86
N GLU A 322 3.41 -6.68 21.56
CA GLU A 322 2.30 -6.83 22.51
C GLU A 322 2.02 -8.31 22.80
N GLY A 323 2.27 -9.17 21.81
CA GLY A 323 2.09 -10.62 21.98
C GLY A 323 2.98 -11.20 23.06
N ILE A 324 4.26 -10.81 23.04
CA ILE A 324 5.20 -11.22 24.06
C ILE A 324 4.91 -10.53 25.39
N VAL A 325 4.57 -9.25 25.35
CA VAL A 325 4.36 -8.52 26.59
C VAL A 325 3.15 -9.04 27.36
N HIS A 326 2.04 -9.31 26.67
CA HIS A 326 0.81 -9.73 27.35
C HIS A 326 0.95 -11.13 27.96
N LEU A 327 1.89 -11.92 27.44
CA LEU A 327 2.22 -13.21 28.06
C LEU A 327 2.83 -13.07 29.45
N PHE A 328 3.81 -12.17 29.59
CA PHE A 328 4.55 -12.07 30.83
C PHE A 328 3.88 -11.10 31.80
N TYR A 329 3.64 -9.88 31.33
CA TYR A 329 2.86 -8.91 32.08
C TYR A 329 1.42 -9.09 31.64
N GLN A 330 0.67 -9.90 32.36
CA GLN A 330 -0.73 -10.17 32.00
C GLN A 330 -1.63 -8.92 32.08
N ARG A 331 -1.30 -7.99 32.98
CA ARG A 331 -2.15 -6.83 33.23
C ARG A 331 -1.38 -5.66 33.84
N ASP A 332 -1.87 -4.45 33.62
CA ASP A 332 -1.12 -3.21 33.89
C ASP A 332 -0.46 -3.17 35.26
N ASP A 333 -1.12 -3.76 36.24
CA ASP A 333 -0.63 -3.83 37.63
C ASP A 333 0.78 -4.42 37.69
N ILE A 334 1.02 -5.46 36.88
CA ILE A 334 2.32 -6.11 36.82
C ILE A 334 3.40 -5.17 36.28
N VAL A 335 3.08 -4.47 35.18
CA VAL A 335 3.99 -3.50 34.56
C VAL A 335 4.41 -2.43 35.57
N LYS A 336 3.42 -1.83 36.21
CA LYS A 336 3.63 -0.75 37.19
C LYS A 336 4.53 -1.18 38.33
N GLY A 337 4.38 -2.43 38.75
CA GLY A 337 5.05 -2.96 39.92
C GLY A 337 6.44 -3.55 39.68
N ASP A 338 6.85 -3.68 38.42
CA ASP A 338 8.17 -4.25 38.13
C ASP A 338 9.23 -3.19 38.37
N PRO A 339 9.93 -3.26 39.50
CA PRO A 339 10.83 -2.15 39.81
C PRO A 339 12.00 -2.08 38.87
N GLU A 340 12.48 -3.24 38.43
CA GLU A 340 13.60 -3.33 37.49
C GLU A 340 13.30 -2.67 36.16
N LEU A 341 12.14 -2.99 35.61
CA LEU A 341 11.68 -2.35 34.38
C LEU A 341 11.61 -0.83 34.55
N GLN A 342 11.18 -0.38 35.72
CA GLN A 342 10.97 1.04 36.00
C GLN A 342 12.31 1.78 36.04
N ALA A 343 13.30 1.15 36.67
CA ALA A 343 14.69 1.62 36.61
C ALA A 343 15.18 1.70 35.17
N TRP A 344 14.99 0.62 34.42
CA TRP A 344 15.37 0.57 33.00
C TRP A 344 14.80 1.71 32.19
N CYS A 345 13.53 2.05 32.44
CA CYS A 345 12.89 3.18 31.78
C CYS A 345 13.59 4.47 32.14
N ARG A 346 13.67 4.76 33.43
CA ARG A 346 14.36 5.97 33.92
C ARG A 346 15.76 6.07 33.37
N GLU A 347 16.47 4.95 33.35
CA GLU A 347 17.86 4.87 32.90
C GLU A 347 18.02 5.34 31.46
N ILE A 348 17.02 5.02 30.63
CA ILE A 348 17.02 5.47 29.25
C ILE A 348 16.68 6.96 29.13
N THR A 349 15.56 7.37 29.72
CA THR A 349 15.03 8.74 29.58
C THR A 349 15.77 9.83 30.35
N GLU A 350 16.13 9.53 31.58
CA GLU A 350 16.70 10.55 32.45
C GLU A 350 18.21 10.58 32.31
N VAL A 351 18.86 9.44 32.49
CA VAL A 351 20.31 9.37 32.43
C VAL A 351 20.80 9.38 30.99
N GLY A 352 20.37 8.37 30.22
CA GLY A 352 20.96 8.10 28.91
C GLY A 352 20.68 9.18 27.91
N LEU A 353 19.40 9.52 27.79
CA LEU A 353 18.95 10.52 26.83
C LEU A 353 19.04 11.94 27.39
N CYS A 354 19.46 12.06 28.65
CA CYS A 354 19.72 13.34 29.33
C CYS A 354 18.47 14.13 29.64
N GLN A 355 17.78 13.74 30.70
CA GLN A 355 16.54 14.41 31.12
C GLN A 355 15.56 14.55 29.93
N ALA A 356 15.41 13.49 29.15
CA ALA A 356 14.61 13.52 27.91
C ALA A 356 13.10 13.51 28.15
N GLN A 357 12.68 13.36 29.40
CA GLN A 357 11.26 13.49 29.79
C GLN A 357 10.60 14.84 29.52
N ASP A 358 11.32 15.78 28.93
CA ASP A 358 10.75 17.06 28.50
C ASP A 358 10.54 17.06 26.99
N ARG A 359 10.79 15.90 26.38
CA ARG A 359 10.66 15.71 24.96
C ARG A 359 9.89 14.41 24.64
N GLY A 360 8.83 14.18 25.41
CA GLY A 360 7.89 13.09 25.15
C GLY A 360 8.26 11.77 25.78
N PHE A 361 9.52 11.59 26.18
CA PHE A 361 9.95 10.31 26.72
C PHE A 361 9.34 9.96 28.08
N PRO A 362 8.94 8.70 28.26
CA PRO A 362 8.39 8.24 29.53
C PRO A 362 9.46 8.10 30.63
N VAL A 363 9.07 8.32 31.87
CA VAL A 363 9.93 8.11 33.03
C VAL A 363 9.51 6.84 33.77
N SER A 364 8.28 6.40 33.52
CA SER A 364 7.75 5.16 34.04
C SER A 364 6.85 4.48 32.99
N PHE A 365 6.55 3.19 33.22
CA PHE A 365 5.54 2.47 32.49
C PHE A 365 4.39 2.14 33.41
N GLN A 366 3.23 2.72 33.11
CA GLN A 366 2.02 2.51 33.89
C GLN A 366 1.17 1.38 33.32
N SER A 367 1.45 0.95 32.09
CA SER A 367 0.57 0.01 31.43
C SER A 367 1.27 -0.86 30.40
N GLN A 368 0.53 -1.81 29.85
CA GLN A 368 1.01 -2.64 28.77
C GLN A 368 1.21 -1.81 27.51
N SER A 369 0.23 -0.99 27.20
CA SER A 369 0.26 -0.14 26.00
C SER A 369 1.42 0.82 26.03
N GLN A 370 1.63 1.44 27.19
CA GLN A 370 2.73 2.38 27.35
C GLN A 370 4.06 1.67 27.13
N LEU A 371 4.17 0.43 27.63
CA LEU A 371 5.36 -0.42 27.44
C LEU A 371 5.52 -1.01 26.01
N CYS A 372 4.44 -1.48 25.42
CA CYS A 372 4.47 -1.98 24.03
C CYS A 372 4.90 -0.92 23.01
N HIS A 373 4.40 0.31 23.18
CA HIS A 373 4.73 1.43 22.30
C HIS A 373 6.23 1.73 22.38
N PHE A 374 6.77 1.76 23.60
CA PHE A 374 8.19 2.00 23.86
C PHE A 374 9.06 0.83 23.40
N LEU A 375 8.63 -0.39 23.68
CA LEU A 375 9.34 -1.58 23.19
C LEU A 375 9.34 -1.68 21.67
N THR A 376 8.24 -1.29 21.01
CA THR A 376 8.18 -1.28 19.53
C THR A 376 9.13 -0.24 18.93
N MET A 377 9.24 0.91 19.59
CA MET A 377 10.19 1.97 19.22
C MET A 377 11.62 1.48 19.31
N CYS A 378 11.90 0.63 20.30
CA CYS A 378 13.25 0.12 20.51
C CYS A 378 13.70 -0.82 19.42
N VAL A 379 12.84 -1.77 19.07
CA VAL A 379 13.13 -2.68 17.96
C VAL A 379 13.33 -1.85 16.68
N PHE A 380 12.31 -1.06 16.35
CA PHE A 380 12.30 -0.31 15.10
C PHE A 380 13.57 0.54 14.91
N THR A 381 13.96 1.25 15.96
CA THR A 381 15.21 2.02 15.96
C THR A 381 16.42 1.14 15.62
N CYS A 382 16.49 -0.05 16.20
CA CYS A 382 17.66 -0.90 16.03
C CYS A 382 17.67 -1.68 14.74
N THR A 383 16.50 -1.82 14.13
CA THR A 383 16.34 -2.66 12.97
C THR A 383 15.83 -1.82 11.80
N ALA A 384 14.52 -1.85 11.52
CA ALA A 384 13.93 -1.17 10.38
C ALA A 384 14.52 0.21 10.07
N GLN A 385 14.59 1.10 11.06
CA GLN A 385 14.93 2.51 10.77
C GLN A 385 16.37 2.65 10.33
N HIS A 386 17.27 1.90 10.96
CA HIS A 386 18.65 1.87 10.52
C HIS A 386 18.73 1.36 9.07
N ALA A 387 17.96 0.32 8.77
CA ALA A 387 17.83 -0.13 7.38
C ALA A 387 17.43 1.03 6.48
N ALA A 388 16.38 1.76 6.87
CA ALA A 388 15.85 2.84 6.05
C ALA A 388 16.85 3.97 5.91
N ILE A 389 17.54 4.32 7.00
CA ILE A 389 18.52 5.41 6.97
C ILE A 389 19.85 5.02 6.32
N ASN A 390 20.23 3.74 6.41
CA ASN A 390 21.55 3.30 5.96
C ASN A 390 21.64 2.62 4.59
N GLN A 391 20.60 1.90 4.17
CA GLN A 391 20.69 1.09 2.94
C GLN A 391 20.78 1.89 1.63
N GLY A 392 20.65 3.22 1.69
CA GLY A 392 20.51 4.04 0.50
C GLY A 392 21.71 4.84 0.06
N GLN A 393 22.82 4.70 0.79
CA GLN A 393 24.01 5.51 0.52
C GLN A 393 24.62 5.10 -0.80
N LEU A 394 24.72 3.80 -1.04
CA LEU A 394 25.21 3.35 -2.33
C LEU A 394 24.39 3.98 -3.46
N ASP A 395 23.08 3.84 -3.37
CA ASP A 395 22.21 4.30 -4.46
C ASP A 395 22.25 5.83 -4.64
N TRP A 396 22.18 6.56 -3.54
CA TRP A 396 21.97 8.01 -3.62
C TRP A 396 23.23 8.84 -3.48
N TYR A 397 24.25 8.29 -2.84
CA TYR A 397 25.47 9.05 -2.52
C TYR A 397 26.71 8.67 -3.33
N ALA A 398 26.61 7.62 -4.16
CA ALA A 398 27.72 7.25 -5.02
C ALA A 398 28.01 8.40 -5.99
N TRP A 399 26.99 8.75 -6.79
CA TRP A 399 27.08 9.91 -7.68
C TRP A 399 27.16 11.18 -6.84
N VAL A 400 28.39 11.60 -6.54
CA VAL A 400 28.64 12.65 -5.53
C VAL A 400 27.94 14.00 -5.79
N PRO A 401 27.84 14.44 -7.05
CA PRO A 401 27.14 15.72 -7.25
C PRO A 401 25.72 15.78 -6.65
N ASN A 402 25.07 14.61 -6.50
CA ASN A 402 23.71 14.57 -5.98
C ASN A 402 23.64 14.62 -4.46
N ALA A 403 24.77 14.41 -3.79
CA ALA A 403 24.82 14.48 -2.34
C ALA A 403 26.24 14.84 -1.85
N PRO A 404 26.68 16.07 -2.13
CA PRO A 404 28.03 16.52 -1.83
C PRO A 404 28.33 16.55 -0.35
N CYS A 405 29.30 15.77 0.09
CA CYS A 405 29.63 15.64 1.51
C CYS A 405 30.10 16.96 2.09
N THR A 406 30.74 17.76 1.26
CA THR A 406 31.28 19.02 1.72
C THR A 406 31.24 20.09 0.63
N MET A 407 31.09 21.34 1.04
CA MET A 407 31.13 22.47 0.13
C MET A 407 32.34 23.31 0.51
N ARG A 408 33.13 23.70 -0.48
CA ARG A 408 34.44 24.32 -0.23
C ARG A 408 34.45 25.83 -0.45
N MET A 409 33.29 26.37 -0.78
CA MET A 409 33.12 27.83 -0.81
C MET A 409 31.88 28.19 0.01
N PRO A 410 31.78 29.44 0.46
CA PRO A 410 30.51 29.85 1.08
C PRO A 410 29.38 29.92 0.04
N PRO A 411 28.13 29.77 0.52
CA PRO A 411 26.94 29.90 -0.30
C PRO A 411 26.83 31.24 -0.98
N PRO A 412 26.21 31.26 -2.16
CA PRO A 412 26.06 32.48 -2.92
C PRO A 412 25.08 33.41 -2.21
N THR A 413 25.34 34.70 -2.24
CA THR A 413 24.39 35.62 -1.64
C THR A 413 23.44 36.18 -2.69
N THR A 414 23.84 36.16 -3.95
CA THR A 414 22.93 36.53 -5.04
C THR A 414 22.83 35.38 -6.03
N LYS A 415 21.89 35.49 -6.97
CA LYS A 415 21.75 34.51 -8.06
C LYS A 415 22.48 34.98 -9.30
N GLU A 416 23.41 35.90 -9.09
CA GLU A 416 24.11 36.58 -10.16
C GLU A 416 25.53 36.07 -10.24
N ASP A 417 26.07 36.01 -11.45
CA ASP A 417 27.46 35.65 -11.72
C ASP A 417 27.85 34.25 -11.25
N VAL A 418 26.93 33.29 -11.37
CA VAL A 418 27.17 31.91 -10.95
C VAL A 418 27.66 31.09 -12.13
N THR A 419 28.92 30.71 -12.03
CA THR A 419 29.66 30.08 -13.11
C THR A 419 30.01 28.66 -12.71
N MET A 420 30.30 27.84 -13.70
CA MET A 420 30.87 26.51 -13.47
C MET A 420 32.09 26.54 -12.58
N ALA A 421 32.88 27.61 -12.67
CA ALA A 421 33.99 27.85 -11.76
C ALA A 421 33.46 27.98 -10.37
N THR A 422 32.40 28.76 -10.21
CA THR A 422 31.73 28.89 -8.92
C THR A 422 31.22 27.53 -8.46
N VAL A 423 30.51 26.83 -9.34
CA VAL A 423 29.94 25.53 -8.98
C VAL A 423 31.03 24.51 -8.64
N MET A 424 31.93 24.27 -9.59
CA MET A 424 33.02 23.33 -9.37
C MET A 424 33.88 23.70 -8.17
N GLY A 425 34.10 24.99 -7.98
CA GLY A 425 34.82 25.50 -6.81
C GLY A 425 34.15 25.19 -5.47
N SER A 426 32.81 25.18 -5.46
CA SER A 426 32.05 24.94 -4.24
C SER A 426 31.91 23.44 -3.94
N LEU A 427 31.57 22.66 -4.95
CA LEU A 427 31.50 21.20 -4.80
C LEU A 427 32.81 20.63 -4.28
N PRO A 428 32.76 19.43 -3.67
CA PRO A 428 33.97 18.80 -3.15
C PRO A 428 35.03 18.57 -4.22
N ASP A 429 36.25 18.24 -3.80
CA ASP A 429 37.30 17.83 -4.74
C ASP A 429 37.28 16.30 -4.98
N VAL A 430 38.18 15.83 -5.85
CA VAL A 430 38.30 14.40 -6.14
C VAL A 430 38.53 13.56 -4.90
N ARG A 431 39.43 14.02 -4.03
CA ARG A 431 39.76 13.33 -2.80
C ARG A 431 38.56 13.19 -1.87
N GLN A 432 37.90 14.30 -1.59
CA GLN A 432 36.74 14.29 -0.70
C GLN A 432 35.65 13.43 -1.31
N ALA A 433 35.32 13.70 -2.57
CA ALA A 433 34.25 12.98 -3.26
C ALA A 433 34.51 11.48 -3.39
N CYS A 434 35.75 11.09 -3.64
CA CYS A 434 36.04 9.66 -3.83
C CYS A 434 36.07 8.87 -2.51
N LEU A 435 36.48 9.54 -1.43
CA LEU A 435 36.42 8.92 -0.12
C LEU A 435 34.95 8.82 0.30
N GLN A 436 34.15 9.77 -0.16
CA GLN A 436 32.72 9.73 0.10
C GLN A 436 32.22 8.40 -0.45
N MET A 437 32.45 8.16 -1.75
CA MET A 437 32.02 6.94 -2.43
C MET A 437 32.50 5.70 -1.70
N ALA A 438 33.74 5.74 -1.22
CA ALA A 438 34.31 4.63 -0.49
C ALA A 438 33.44 4.28 0.71
N ILE A 439 33.27 5.24 1.61
CA ILE A 439 32.55 5.04 2.86
C ILE A 439 31.10 4.61 2.63
N SER A 440 30.44 5.23 1.67
CA SER A 440 29.02 4.94 1.38
C SER A 440 28.79 3.50 0.88
N TRP A 441 29.77 2.96 0.16
CA TRP A 441 29.72 1.57 -0.31
C TRP A 441 29.90 0.63 0.89
N HIS A 442 30.91 0.92 1.71
CA HIS A 442 31.20 0.12 2.90
C HIS A 442 30.02 0.10 3.85
N LEU A 443 29.45 1.27 4.10
CA LEU A 443 28.24 1.37 4.93
C LEU A 443 27.05 0.57 4.37
N SER A 444 26.69 0.77 3.10
CA SER A 444 25.47 0.14 2.56
C SER A 444 25.76 -1.23 1.97
N ASP A 449 25.10 -13.55 5.13
CA ASP A 449 25.99 -13.37 6.28
C ASP A 449 25.25 -12.80 7.52
N MET A 450 24.34 -11.87 7.29
CA MET A 450 23.58 -11.24 8.38
C MET A 450 22.35 -12.06 8.76
N VAL A 451 21.85 -11.81 9.97
CA VAL A 451 20.60 -12.40 10.43
C VAL A 451 19.47 -11.38 10.22
N PRO A 452 18.46 -11.69 9.37
CA PRO A 452 17.37 -10.76 9.09
C PRO A 452 16.42 -10.55 10.25
N LEU A 453 15.62 -9.50 10.19
CA LEU A 453 14.69 -9.21 11.28
C LEU A 453 13.79 -10.41 11.56
N GLY A 454 13.64 -10.73 12.84
CA GLY A 454 12.73 -11.79 13.26
C GLY A 454 13.28 -13.19 13.12
N HIS A 455 14.54 -13.33 12.72
CA HIS A 455 15.12 -14.64 12.48
C HIS A 455 16.29 -14.97 13.41
N HIS A 456 16.33 -14.35 14.57
CA HIS A 456 17.33 -14.71 15.57
C HIS A 456 17.24 -16.21 15.80
N LYS A 457 18.19 -16.96 15.24
CA LYS A 457 18.23 -18.41 15.35
C LYS A 457 18.67 -18.78 16.76
N GLU A 458 17.80 -18.45 17.72
CA GLU A 458 18.06 -18.65 19.15
C GLU A 458 16.70 -18.86 19.78
N LYS A 459 16.68 -19.36 21.02
CA LYS A 459 15.44 -19.52 21.74
C LYS A 459 15.65 -19.20 23.22
N TYR A 460 15.59 -17.90 23.50
CA TYR A 460 15.67 -17.38 24.86
C TYR A 460 14.37 -17.67 25.59
N PHE A 461 13.28 -17.72 24.84
CA PHE A 461 11.99 -18.13 25.37
C PHE A 461 11.79 -19.61 25.11
N SER A 462 11.14 -20.28 26.07
CA SER A 462 11.01 -21.74 26.05
C SER A 462 9.64 -22.21 25.61
N GLY A 463 8.58 -21.52 26.01
CA GLY A 463 7.22 -22.02 25.77
C GLY A 463 6.79 -22.08 24.32
N PRO A 464 5.69 -22.79 24.03
CA PRO A 464 5.08 -22.72 22.70
C PRO A 464 4.33 -21.39 22.46
N LYS A 465 3.93 -20.72 23.54
CA LYS A 465 3.22 -19.45 23.44
C LYS A 465 4.12 -18.36 22.82
N PRO A 466 5.28 -18.08 23.42
CA PRO A 466 6.21 -17.17 22.71
C PRO A 466 6.51 -17.61 21.28
N LYS A 467 6.79 -18.89 21.08
CA LYS A 467 7.11 -19.41 19.75
C LYS A 467 6.03 -19.07 18.72
N ALA A 468 4.76 -19.19 19.12
CA ALA A 468 3.65 -18.80 18.27
C ALA A 468 3.76 -17.32 17.89
N VAL A 469 4.02 -16.46 18.87
CA VAL A 469 4.14 -15.02 18.63
C VAL A 469 5.21 -14.73 17.60
N LEU A 470 6.42 -15.22 17.87
CA LEU A 470 7.55 -15.04 16.96
C LEU A 470 7.29 -15.69 15.59
N ASN A 471 6.44 -16.71 15.57
CA ASN A 471 6.06 -17.34 14.31
C ASN A 471 5.15 -16.47 13.46
N GLN A 472 4.21 -15.78 14.09
CA GLN A 472 3.30 -14.86 13.38
C GLN A 472 4.08 -13.68 12.82
N PHE A 473 5.03 -13.20 13.61
CA PHE A 473 5.93 -12.12 13.22
C PHE A 473 6.61 -12.44 11.90
N ARG A 474 7.16 -13.64 11.79
CA ARG A 474 7.77 -14.12 10.56
C ARG A 474 6.78 -14.17 9.40
N THR A 475 5.59 -14.68 9.67
CA THR A 475 4.55 -14.79 8.66
C THR A 475 4.16 -13.43 8.11
N ASP A 476 3.97 -12.46 9.02
CA ASP A 476 3.62 -11.09 8.64
C ASP A 476 4.75 -10.42 7.88
N LEU A 477 5.99 -10.70 8.30
CA LEU A 477 7.16 -10.18 7.60
C LEU A 477 7.26 -10.73 6.17
N GLU A 478 7.03 -12.03 6.00
CA GLU A 478 6.95 -12.64 4.66
C GLU A 478 5.82 -11.99 3.82
N LYS A 479 4.72 -11.65 4.49
CA LYS A 479 3.58 -10.99 3.85
C LYS A 479 3.98 -9.61 3.28
N LEU A 480 4.61 -8.79 4.10
CA LEU A 480 5.11 -7.48 3.67
C LEU A 480 6.18 -7.62 2.59
N GLU A 481 7.08 -8.59 2.76
CA GLU A 481 8.12 -8.89 1.76
C GLU A 481 7.54 -9.00 0.37
N LYS A 482 6.52 -9.84 0.24
CA LYS A 482 5.98 -10.17 -1.07
C LYS A 482 5.11 -9.04 -1.59
N GLU A 483 4.64 -8.21 -0.68
CA GLU A 483 3.91 -7.00 -1.03
C GLU A 483 4.85 -5.94 -1.59
N ILE A 484 5.92 -5.65 -0.86
CA ILE A 484 6.94 -4.68 -1.30
C ILE A 484 7.52 -5.04 -2.65
N THR A 485 7.95 -6.29 -2.80
CA THR A 485 8.63 -6.73 -4.03
C THR A 485 7.72 -6.70 -5.24
N ALA A 486 6.42 -6.91 -5.04
CA ALA A 486 5.43 -6.84 -6.12
C ALA A 486 5.20 -5.40 -6.55
N ARG A 487 5.07 -4.51 -5.56
CA ARG A 487 4.95 -3.08 -5.82
C ARG A 487 6.15 -2.54 -6.58
N ASN A 488 7.34 -2.88 -6.11
CA ASN A 488 8.59 -2.34 -6.66
C ASN A 488 8.81 -2.73 -8.12
N GLU A 489 8.42 -3.94 -8.48
CA GLU A 489 8.51 -4.43 -9.85
C GLU A 489 7.83 -3.52 -10.88
N GLN A 490 6.77 -2.84 -10.46
CA GLN A 490 6.00 -1.99 -11.36
C GLN A 490 6.54 -0.57 -11.44
N LEU A 491 7.60 -0.26 -10.69
CA LEU A 491 8.09 1.11 -10.54
C LEU A 491 9.48 1.27 -11.09
N ASP A 492 9.71 2.40 -11.77
CA ASP A 492 11.05 2.73 -12.26
C ASP A 492 11.98 3.07 -11.09
N TRP A 493 11.42 3.72 -10.08
CA TRP A 493 12.18 4.13 -8.90
C TRP A 493 11.73 3.36 -7.68
N PRO A 494 12.10 2.07 -7.59
CA PRO A 494 11.62 1.26 -6.48
C PRO A 494 12.22 1.72 -5.15
N TYR A 495 11.48 1.49 -4.07
CA TYR A 495 11.98 1.70 -2.72
C TYR A 495 12.13 0.35 -2.01
N GLU A 496 13.34 0.04 -1.56
CA GLU A 496 13.58 -1.26 -0.95
C GLU A 496 14.54 -1.25 0.24
N TYR A 497 14.63 -0.12 0.93
CA TYR A 497 15.49 -0.08 2.12
C TYR A 497 14.80 -0.69 3.33
N LEU A 498 13.51 -1.06 3.17
CA LEU A 498 12.72 -1.65 4.25
C LEU A 498 12.04 -3.00 3.95
N LYS A 499 12.37 -3.63 2.82
CA LYS A 499 12.04 -5.03 2.60
C LYS A 499 12.54 -5.82 3.80
N PRO A 500 11.64 -6.53 4.51
CA PRO A 500 11.98 -7.26 5.75
C PRO A 500 13.23 -8.14 5.71
N SER A 501 13.49 -8.73 4.54
CA SER A 501 14.67 -9.56 4.35
C SER A 501 15.97 -8.75 4.36
N CYS A 502 15.89 -7.48 4.01
CA CYS A 502 17.07 -6.63 3.93
C CYS A 502 17.42 -5.96 5.25
N ILE A 503 16.52 -6.06 6.24
CA ILE A 503 16.71 -5.46 7.54
C ILE A 503 17.42 -6.47 8.42
N GLU A 504 18.57 -6.08 8.97
CA GLU A 504 19.31 -6.91 9.90
C GLU A 504 18.62 -6.91 11.26
N ASN A 505 18.64 -8.05 11.96
CA ASN A 505 17.99 -8.17 13.27
C ASN A 505 18.64 -7.30 14.35
N SER A 506 19.66 -6.52 13.98
CA SER A 506 20.29 -5.57 14.91
C SER A 506 21.12 -4.53 14.16
N VAL A 507 21.37 -3.40 14.80
CA VAL A 507 22.42 -2.49 14.37
C VAL A 507 23.73 -3.21 14.73
N THR A 508 24.74 -3.09 13.87
CA THR A 508 25.98 -3.85 14.04
C THR A 508 27.16 -2.92 14.36
N TRP B 22 -14.65 12.65 -5.57
CA TRP B 22 -14.21 11.55 -6.48
C TRP B 22 -12.79 11.21 -6.08
N THR B 23 -12.26 10.17 -6.74
CA THR B 23 -10.97 9.56 -6.44
C THR B 23 -11.13 8.54 -5.33
N LEU B 24 -10.11 7.71 -5.15
CA LEU B 24 -10.13 6.64 -4.13
C LEU B 24 -9.39 7.03 -2.84
N LYS B 25 -9.42 8.31 -2.49
CA LYS B 25 -8.89 8.77 -1.20
C LYS B 25 -9.75 8.22 -0.06
N ALA B 26 -9.25 8.36 1.15
CA ALA B 26 -9.81 7.72 2.33
C ALA B 26 -11.25 8.04 2.74
N GLY B 27 -11.66 9.29 2.89
CA GLY B 27 -11.28 10.42 2.06
C GLY B 27 -12.54 10.52 1.23
N ALA B 28 -12.41 10.27 -0.08
CA ALA B 28 -13.58 10.16 -0.96
C ALA B 28 -14.31 8.83 -0.72
N LEU B 29 -13.59 7.82 -0.25
CA LEU B 29 -14.16 6.48 -0.10
C LEU B 29 -15.25 6.42 0.98
N GLU B 30 -15.06 7.21 2.04
CA GLU B 30 -16.05 7.36 3.09
C GLU B 30 -17.36 7.98 2.58
N MET B 31 -17.26 9.00 1.73
CA MET B 31 -18.45 9.66 1.18
C MET B 31 -19.20 8.72 0.24
N ALA B 32 -18.46 7.91 -0.48
CA ALA B 32 -19.06 6.95 -1.39
C ALA B 32 -19.99 6.04 -0.59
N LEU B 33 -19.50 5.55 0.54
CA LEU B 33 -20.30 4.66 1.39
C LEU B 33 -21.49 5.40 1.98
N LYS B 34 -21.29 6.67 2.33
CA LYS B 34 -22.36 7.51 2.85
C LYS B 34 -23.46 7.74 1.81
N ARG B 35 -23.09 8.01 0.56
CA ARG B 35 -24.08 8.17 -0.50
C ARG B 35 -24.76 6.85 -0.85
N VAL B 36 -23.98 5.79 -0.87
CA VAL B 36 -24.51 4.44 -1.02
C VAL B 36 -25.59 4.19 0.02
N TYR B 37 -25.28 4.54 1.27
CA TYR B 37 -26.21 4.37 2.38
C TYR B 37 -27.47 5.20 2.24
N THR B 38 -27.31 6.41 1.69
CA THR B 38 -28.43 7.31 1.53
C THR B 38 -29.40 6.72 0.51
N LEU B 39 -28.86 6.20 -0.59
CA LEU B 39 -29.67 5.56 -1.60
C LEU B 39 -30.37 4.33 -1.03
N LEU B 40 -29.64 3.55 -0.24
CA LEU B 40 -30.19 2.30 0.28
C LEU B 40 -31.33 2.61 1.25
N SER B 41 -31.09 3.52 2.20
CA SER B 41 -32.11 3.96 3.17
C SER B 41 -33.44 4.27 2.50
N SER B 42 -33.39 4.88 1.32
CA SER B 42 -34.60 5.22 0.59
C SER B 42 -35.36 4.01 -0.01
N TRP B 43 -34.82 2.80 0.10
CA TRP B 43 -35.60 1.59 -0.22
C TRP B 43 -36.16 0.93 1.03
N ASN B 44 -35.92 1.54 2.20
CA ASN B 44 -36.45 1.02 3.45
C ASN B 44 -37.85 1.56 3.72
N CYS B 45 -38.78 1.11 2.88
CA CYS B 45 -40.20 1.41 3.04
C CYS B 45 -41.02 0.46 2.15
N LEU B 46 -42.33 0.62 2.18
CA LEU B 46 -43.23 -0.31 1.52
C LEU B 46 -43.27 -0.17 0.00
N GLU B 47 -42.56 0.81 -0.53
CA GLU B 47 -42.34 0.93 -1.96
C GLU B 47 -42.05 -0.46 -2.56
N ASP B 48 -42.85 -0.87 -3.56
CA ASP B 48 -42.71 -2.17 -4.23
C ASP B 48 -42.79 -3.39 -3.29
N PHE B 49 -43.21 -3.19 -2.05
CA PHE B 49 -43.40 -4.26 -1.07
C PHE B 49 -43.91 -5.57 -1.73
N ASP B 50 -44.93 -5.41 -2.57
CA ASP B 50 -45.54 -6.50 -3.31
C ASP B 50 -44.55 -7.36 -4.11
N GLN B 51 -43.58 -6.71 -4.75
CA GLN B 51 -42.81 -7.34 -5.83
C GLN B 51 -42.01 -8.66 -5.65
N ILE B 52 -41.09 -8.87 -4.71
CA ILE B 52 -40.77 -8.19 -3.49
C ILE B 52 -40.85 -8.99 -2.23
N PHE B 53 -42.04 -9.16 -1.67
CA PHE B 53 -42.27 -10.21 -0.67
C PHE B 53 -43.53 -11.01 -0.98
N TRP B 54 -44.16 -10.75 -2.12
CA TRP B 54 -45.44 -11.35 -2.45
C TRP B 54 -45.44 -12.00 -3.82
N GLY B 55 -45.01 -11.27 -4.85
CA GLY B 55 -44.94 -11.83 -6.21
C GLY B 55 -43.92 -12.95 -6.39
N GLN B 56 -43.87 -13.48 -7.61
CA GLN B 56 -42.98 -14.60 -7.95
C GLN B 56 -41.51 -14.22 -7.76
N LYS B 57 -40.68 -15.18 -7.36
CA LYS B 57 -39.30 -14.89 -6.94
C LYS B 57 -38.23 -14.96 -8.06
N SER B 58 -38.37 -15.87 -9.03
CA SER B 58 -37.30 -16.18 -10.02
C SER B 58 -37.03 -17.67 -10.02
N ALA B 59 -36.92 -18.28 -11.19
CA ALA B 59 -36.72 -19.72 -11.27
C ALA B 59 -35.44 -20.16 -10.53
N LEU B 60 -34.38 -19.35 -10.63
CA LEU B 60 -33.10 -19.65 -10.00
C LEU B 60 -33.12 -19.44 -8.49
N ALA B 61 -33.76 -18.36 -8.06
CA ALA B 61 -33.98 -18.09 -6.63
C ALA B 61 -34.76 -19.22 -5.97
N GLU B 62 -35.77 -19.73 -6.67
CA GLU B 62 -36.56 -20.83 -6.15
C GLU B 62 -35.74 -22.11 -6.14
N LYS B 63 -34.82 -22.23 -7.10
CA LYS B 63 -33.88 -23.35 -7.11
C LYS B 63 -32.84 -23.22 -6.02
N VAL B 64 -32.37 -22.00 -5.76
CA VAL B 64 -31.43 -21.79 -4.66
C VAL B 64 -32.06 -22.23 -3.35
N ARG B 65 -33.28 -21.77 -3.09
CA ARG B 65 -33.97 -22.11 -1.84
C ARG B 65 -33.97 -23.61 -1.60
N GLN B 66 -34.35 -24.37 -2.62
CA GLN B 66 -34.34 -25.83 -2.55
C GLN B 66 -32.95 -26.39 -2.23
N CYS B 67 -31.94 -25.87 -2.91
CA CYS B 67 -30.62 -26.52 -2.96
C CYS B 67 -29.50 -25.90 -2.14
N TRP B 68 -29.78 -24.81 -1.43
CA TRP B 68 -28.71 -24.02 -0.80
C TRP B 68 -27.77 -24.79 0.12
N GLN B 69 -28.23 -25.89 0.72
CA GLN B 69 -27.39 -26.71 1.60
C GLN B 69 -26.43 -27.68 0.89
N ASP B 70 -26.59 -27.87 -0.42
CA ASP B 70 -25.77 -28.86 -1.12
C ASP B 70 -24.39 -28.29 -1.45
N ASP B 71 -23.35 -29.04 -1.12
CA ASP B 71 -21.96 -28.57 -1.32
C ASP B 71 -21.65 -28.21 -2.75
N GLU B 72 -22.30 -28.87 -3.71
CA GLU B 72 -22.08 -28.60 -5.13
C GLU B 72 -22.57 -27.20 -5.55
N LEU B 73 -23.74 -26.78 -5.08
CA LEU B 73 -24.23 -25.40 -5.30
C LEU B 73 -23.40 -24.36 -4.55
N PHE B 74 -22.99 -24.70 -3.33
CA PHE B 74 -22.06 -23.87 -2.57
C PHE B 74 -20.81 -23.63 -3.40
N SER B 75 -20.27 -24.71 -3.95
CA SER B 75 -19.06 -24.62 -4.73
C SER B 75 -19.32 -23.84 -6.01
N TYR B 76 -20.43 -24.16 -6.68
CA TYR B 76 -20.75 -23.62 -7.99
C TYR B 76 -20.70 -22.10 -8.03
N GLN B 77 -21.12 -21.47 -6.95
CA GLN B 77 -21.21 -20.02 -6.90
C GLN B 77 -19.87 -19.32 -7.05
N PHE B 78 -18.80 -19.97 -6.60
CA PHE B 78 -17.45 -19.44 -6.79
C PHE B 78 -17.11 -19.19 -8.26
N LEU B 79 -17.63 -20.01 -9.17
CA LEU B 79 -17.38 -19.85 -10.60
C LEU B 79 -18.50 -19.08 -11.31
N ASN B 80 -19.75 -19.35 -10.94
CA ASN B 80 -20.89 -18.87 -11.73
C ASN B 80 -22.03 -18.22 -10.94
N GLY B 81 -21.76 -17.89 -9.68
CA GLY B 81 -22.73 -17.22 -8.82
C GLY B 81 -22.56 -15.72 -8.99
N ALA B 82 -23.01 -14.98 -7.98
CA ALA B 82 -22.98 -13.53 -8.00
C ALA B 82 -21.56 -12.93 -7.92
N ASN B 83 -20.65 -13.58 -7.19
CA ASN B 83 -19.23 -13.16 -7.12
C ASN B 83 -18.29 -14.23 -7.63
N PRO B 84 -18.03 -14.23 -8.96
CA PRO B 84 -17.08 -15.15 -9.58
C PRO B 84 -15.65 -14.58 -9.66
N MET B 85 -15.30 -13.63 -8.80
CA MET B 85 -14.05 -12.88 -8.95
C MET B 85 -12.97 -13.25 -7.95
N LEU B 86 -13.24 -14.19 -7.05
CA LEU B 86 -12.36 -14.44 -5.92
C LEU B 86 -11.51 -15.70 -6.08
N LEU B 87 -12.18 -16.79 -6.44
CA LEU B 87 -11.58 -18.13 -6.55
C LEU B 87 -10.30 -18.16 -7.37
N ARG B 88 -9.39 -19.06 -7.03
CA ARG B 88 -8.19 -19.27 -7.84
C ARG B 88 -7.67 -20.72 -7.77
N ARG B 89 -6.95 -21.13 -8.81
CA ARG B 89 -6.26 -22.41 -8.78
C ARG B 89 -4.99 -22.16 -7.99
N SER B 90 -4.79 -22.92 -6.92
CA SER B 90 -3.67 -22.70 -6.01
C SER B 90 -2.35 -23.00 -6.72
N THR B 91 -1.35 -22.16 -6.46
CA THR B 91 0.01 -22.40 -6.95
C THR B 91 0.86 -22.97 -5.82
N SER B 92 0.45 -22.70 -4.58
CA SER B 92 1.00 -23.39 -3.43
C SER B 92 -0.09 -23.55 -2.37
N LEU B 93 0.14 -24.41 -1.39
CA LEU B 93 -0.71 -24.48 -0.21
C LEU B 93 -0.51 -23.17 0.58
N PRO B 94 -1.61 -22.44 0.91
CA PRO B 94 -1.43 -21.18 1.63
C PRO B 94 -0.82 -21.41 3.00
N SER B 95 0.19 -20.62 3.35
CA SER B 95 0.84 -20.75 4.65
C SER B 95 -0.16 -20.75 5.80
N ARG B 96 -1.21 -19.94 5.69
CA ARG B 96 -2.22 -19.89 6.76
C ARG B 96 -2.90 -21.23 7.06
N LEU B 97 -2.91 -22.13 6.08
CA LEU B 97 -3.60 -23.42 6.24
C LEU B 97 -2.79 -24.42 7.07
N VAL B 98 -2.71 -24.20 8.38
CA VAL B 98 -1.93 -25.09 9.26
C VAL B 98 -2.80 -26.27 9.65
N LEU B 99 -2.35 -27.48 9.32
CA LEU B 99 -3.10 -28.67 9.66
C LEU B 99 -2.66 -29.17 11.04
N PRO B 100 -3.62 -29.40 11.96
CA PRO B 100 -3.22 -29.97 13.26
C PRO B 100 -2.71 -31.40 13.10
N SER B 101 -2.12 -31.95 14.15
CA SER B 101 -1.59 -33.32 14.12
C SER B 101 -2.70 -34.32 13.94
N GLY B 102 -2.36 -35.47 13.37
CA GLY B 102 -3.33 -36.51 13.09
C GLY B 102 -4.30 -36.13 11.98
N MET B 103 -3.80 -35.45 10.94
CA MET B 103 -4.61 -35.13 9.75
C MET B 103 -3.81 -35.28 8.46
N GLU B 104 -2.96 -36.31 8.40
CA GLU B 104 -2.17 -36.58 7.20
C GLU B 104 -3.02 -36.99 5.99
N GLU B 105 -4.26 -37.39 6.24
CA GLU B 105 -5.18 -37.77 5.17
C GLU B 105 -5.55 -36.57 4.30
N LEU B 106 -5.97 -35.48 4.94
CA LEU B 106 -6.19 -34.20 4.24
C LEU B 106 -4.88 -33.69 3.66
N ARG B 107 -3.81 -33.82 4.45
CA ARG B 107 -2.45 -33.42 4.09
C ARG B 107 -2.05 -34.01 2.74
N ALA B 108 -2.18 -35.33 2.62
CA ALA B 108 -1.79 -36.04 1.39
C ALA B 108 -2.64 -35.58 0.21
N GLN B 109 -3.92 -35.35 0.45
CA GLN B 109 -4.83 -34.90 -0.60
C GLN B 109 -4.57 -33.47 -1.07
N LEU B 110 -4.32 -32.55 -0.16
CA LEU B 110 -3.99 -31.18 -0.53
C LEU B 110 -2.75 -31.18 -1.44
N GLU B 111 -1.70 -31.83 -0.95
CA GLU B 111 -0.47 -32.07 -1.71
C GLU B 111 -0.83 -32.65 -3.08
N LYS B 112 -1.77 -33.60 -3.10
CA LYS B 112 -2.12 -34.30 -4.34
C LYS B 112 -2.81 -33.39 -5.36
N GLU B 113 -3.95 -32.81 -4.98
CA GLU B 113 -4.68 -31.94 -5.90
C GLU B 113 -3.78 -30.82 -6.41
N LEU B 114 -2.92 -30.33 -5.53
CA LEU B 114 -1.94 -29.29 -5.88
C LEU B 114 -0.96 -29.72 -7.00
N GLN B 115 -0.28 -30.84 -6.82
CA GLN B 115 0.65 -31.31 -7.86
C GLN B 115 -0.11 -31.65 -9.15
N ASN B 116 -1.40 -31.91 -9.03
CA ASN B 116 -2.26 -32.19 -10.18
C ASN B 116 -2.81 -30.96 -10.91
N GLY B 117 -2.61 -29.77 -10.36
CA GLY B 117 -3.23 -28.58 -10.91
C GLY B 117 -4.76 -28.55 -10.75
N SER B 118 -5.28 -29.39 -9.85
CA SER B 118 -6.72 -29.49 -9.62
C SER B 118 -7.19 -28.92 -8.26
N LEU B 119 -6.29 -28.24 -7.53
CA LEU B 119 -6.64 -27.63 -6.22
C LEU B 119 -7.06 -26.16 -6.38
N PHE B 120 -8.06 -25.75 -5.60
CA PHE B 120 -8.57 -24.38 -5.65
C PHE B 120 -8.74 -23.76 -4.28
N GLU B 121 -8.77 -22.43 -4.24
CA GLU B 121 -8.95 -21.69 -2.99
C GLU B 121 -9.80 -20.43 -3.16
N ALA B 122 -10.64 -20.15 -2.17
CA ALA B 122 -11.23 -18.84 -2.00
C ALA B 122 -10.71 -18.32 -0.66
N ASP B 123 -9.77 -17.38 -0.72
CA ASP B 123 -9.17 -16.83 0.49
C ASP B 123 -9.84 -15.49 0.77
N PHE B 124 -10.37 -15.33 1.97
CA PHE B 124 -11.03 -14.11 2.38
C PHE B 124 -10.17 -13.37 3.39
N ILE B 125 -8.88 -13.27 3.09
CA ILE B 125 -7.90 -12.72 4.02
C ILE B 125 -8.07 -11.22 4.20
N LEU B 126 -8.58 -10.55 3.17
CA LEU B 126 -8.78 -9.10 3.20
C LEU B 126 -9.69 -8.67 4.35
N LEU B 127 -10.56 -9.58 4.79
CA LEU B 127 -11.45 -9.30 5.90
C LEU B 127 -10.75 -9.35 7.24
N ASP B 128 -9.54 -9.89 7.30
CA ASP B 128 -8.89 -10.16 8.59
C ASP B 128 -8.62 -8.85 9.35
N GLY B 129 -8.75 -8.88 10.67
CA GLY B 129 -8.53 -7.71 11.49
C GLY B 129 -9.58 -6.60 11.41
N ILE B 130 -10.64 -6.80 10.62
CA ILE B 130 -11.67 -5.76 10.42
C ILE B 130 -12.80 -5.94 11.43
N PRO B 131 -13.23 -4.85 12.10
CA PRO B 131 -14.30 -4.95 13.10
C PRO B 131 -15.70 -5.01 12.49
N ALA B 132 -16.62 -5.69 13.19
CA ALA B 132 -18.03 -5.65 12.84
C ALA B 132 -18.62 -4.27 13.15
N GLN B 140 -22.69 -7.56 15.62
CA GLN B 140 -22.27 -8.15 14.34
C GLN B 140 -20.91 -8.83 14.45
N TYR B 141 -20.56 -9.63 13.45
CA TYR B 141 -19.33 -10.42 13.52
C TYR B 141 -18.77 -10.79 12.13
N LEU B 142 -17.53 -10.35 11.87
CA LEU B 142 -16.83 -10.69 10.64
C LEU B 142 -15.87 -11.85 10.86
N ALA B 143 -15.54 -12.54 9.77
CA ALA B 143 -14.51 -13.57 9.77
C ALA B 143 -13.73 -13.47 8.48
N ALA B 144 -12.55 -14.10 8.45
CA ALA B 144 -11.69 -14.11 7.28
C ALA B 144 -11.38 -15.56 6.83
N PRO B 145 -12.42 -16.30 6.36
CA PRO B 145 -12.22 -17.73 6.11
C PRO B 145 -11.30 -18.06 4.94
N LEU B 146 -10.91 -19.33 4.88
CA LEU B 146 -10.24 -19.91 3.71
C LEU B 146 -11.00 -21.17 3.35
N VAL B 147 -11.26 -21.36 2.06
CA VAL B 147 -11.92 -22.57 1.58
C VAL B 147 -11.05 -23.24 0.54
N MET B 148 -10.78 -24.53 0.72
CA MET B 148 -10.04 -25.31 -0.27
C MET B 148 -10.99 -26.26 -1.01
N LEU B 149 -10.94 -26.22 -2.34
CA LEU B 149 -11.81 -27.05 -3.19
C LEU B 149 -10.98 -27.83 -4.19
N LYS B 150 -11.51 -28.96 -4.64
CA LYS B 150 -10.87 -29.72 -5.70
C LYS B 150 -11.79 -29.87 -6.89
N MET B 151 -11.22 -29.84 -8.08
CA MET B 151 -12.00 -30.05 -9.28
C MET B 151 -11.88 -31.48 -9.77
N GLU B 152 -13.04 -32.12 -9.88
CA GLU B 152 -13.12 -33.49 -10.34
C GLU B 152 -13.01 -33.50 -11.88
N PRO B 153 -12.71 -34.66 -12.48
CA PRO B 153 -12.78 -34.79 -13.96
C PRO B 153 -14.09 -34.29 -14.56
N ASN B 154 -15.19 -34.40 -13.80
CA ASN B 154 -16.50 -33.80 -14.18
C ASN B 154 -16.46 -32.32 -14.54
N GLY B 155 -15.47 -31.60 -14.01
CA GLY B 155 -15.46 -30.16 -14.05
C GLY B 155 -16.38 -29.65 -12.96
N LYS B 156 -16.69 -30.52 -11.98
CA LYS B 156 -17.52 -30.15 -10.84
C LYS B 156 -16.59 -30.00 -9.64
N LEU B 157 -16.77 -28.88 -8.96
CA LEU B 157 -15.86 -28.41 -7.95
C LEU B 157 -16.44 -28.85 -6.61
N GLN B 158 -15.69 -29.65 -5.85
CA GLN B 158 -16.16 -30.18 -4.57
C GLN B 158 -15.22 -29.69 -3.47
N PRO B 159 -15.76 -29.34 -2.28
CA PRO B 159 -14.92 -28.73 -1.22
C PRO B 159 -14.17 -29.73 -0.35
N MET B 160 -12.92 -29.41 -0.04
CA MET B 160 -12.09 -30.25 0.81
C MET B 160 -12.18 -29.83 2.29
N VAL B 161 -11.99 -28.54 2.56
CA VAL B 161 -11.85 -28.01 3.93
C VAL B 161 -12.15 -26.50 4.07
N ILE B 162 -12.76 -26.10 5.19
CA ILE B 162 -12.90 -24.70 5.56
C ILE B 162 -12.18 -24.36 6.88
N GLN B 163 -11.37 -23.30 6.85
CA GLN B 163 -10.83 -22.69 8.04
C GLN B 163 -11.49 -21.33 8.17
N ILE B 164 -12.32 -21.16 9.20
CA ILE B 164 -13.15 -19.95 9.34
C ILE B 164 -12.33 -18.71 9.70
N GLN B 165 -11.36 -18.86 10.60
CA GLN B 165 -10.46 -17.76 10.95
C GLN B 165 -8.98 -18.13 10.77
N PRO B 166 -8.15 -17.16 10.34
CA PRO B 166 -6.71 -17.39 10.26
C PRO B 166 -6.03 -17.64 11.61
N PRO B 167 -4.84 -18.26 11.58
CA PRO B 167 -4.07 -18.46 12.81
C PRO B 167 -3.62 -17.18 13.44
N ASN B 168 -3.55 -17.17 14.77
CA ASN B 168 -3.02 -16.06 15.52
C ASN B 168 -2.24 -16.65 16.68
N PRO B 169 -1.33 -15.86 17.27
CA PRO B 169 -0.41 -16.49 18.22
C PRO B 169 -1.17 -17.28 19.26
N SER B 170 -2.14 -16.64 19.90
CA SER B 170 -2.91 -17.30 20.95
C SER B 170 -3.83 -18.41 20.42
N SER B 171 -3.78 -18.75 19.13
CA SER B 171 -4.69 -19.76 18.65
C SER B 171 -4.31 -20.73 17.53
N PRO B 172 -3.06 -21.18 17.45
CA PRO B 172 -2.11 -20.81 16.44
C PRO B 172 -2.34 -21.86 15.30
N THR B 173 -3.37 -22.70 15.47
CA THR B 173 -3.72 -23.76 14.52
C THR B 173 -5.22 -24.09 14.68
N PRO B 174 -6.09 -23.24 14.10
CA PRO B 174 -7.54 -23.30 14.23
C PRO B 174 -8.27 -24.48 13.58
N THR B 175 -9.54 -24.65 13.95
CA THR B 175 -10.35 -25.79 13.51
C THR B 175 -10.57 -25.78 12.00
N LEU B 176 -10.34 -26.94 11.41
CA LEU B 176 -10.54 -27.16 9.99
C LEU B 176 -11.86 -27.88 9.83
N PHE B 177 -12.83 -27.25 9.21
CA PHE B 177 -14.15 -27.87 9.07
C PHE B 177 -14.17 -28.71 7.77
N LEU B 178 -14.61 -29.95 7.87
CA LEU B 178 -14.66 -30.85 6.70
C LEU B 178 -16.09 -31.23 6.31
N PRO B 179 -16.31 -31.49 5.01
CA PRO B 179 -17.62 -31.98 4.54
C PRO B 179 -18.14 -33.20 5.25
N SER B 180 -17.25 -33.98 5.87
CA SER B 180 -17.63 -35.14 6.68
C SER B 180 -18.04 -34.85 8.12
N ASP B 181 -17.88 -33.60 8.59
CA ASP B 181 -18.15 -33.25 10.00
C ASP B 181 -19.62 -33.33 10.33
N PRO B 182 -19.97 -33.20 11.63
CA PRO B 182 -21.36 -33.00 12.00
C PRO B 182 -22.05 -32.00 11.06
N PRO B 183 -23.15 -32.43 10.41
CA PRO B 183 -23.77 -31.64 9.34
C PRO B 183 -23.98 -30.15 9.66
N LEU B 184 -24.43 -29.84 10.86
CA LEU B 184 -24.71 -28.42 11.22
C LEU B 184 -23.43 -27.60 11.40
N ALA B 185 -22.38 -28.23 11.90
CA ALA B 185 -21.07 -27.57 11.99
C ALA B 185 -20.58 -27.20 10.60
N TRP B 186 -20.67 -28.16 9.67
CA TRP B 186 -20.28 -27.94 8.27
C TRP B 186 -21.16 -26.88 7.59
N LEU B 187 -22.44 -26.87 7.94
CA LEU B 187 -23.38 -25.94 7.35
C LEU B 187 -23.13 -24.53 7.85
N LEU B 188 -22.86 -24.40 9.14
CA LEU B 188 -22.46 -23.11 9.70
C LEU B 188 -21.15 -22.63 9.08
N ALA B 189 -20.18 -23.53 8.94
CA ALA B 189 -18.89 -23.16 8.37
C ALA B 189 -19.05 -22.59 6.98
N LYS B 190 -19.78 -23.33 6.15
CA LYS B 190 -20.11 -22.92 4.78
C LYS B 190 -20.82 -21.57 4.78
N SER B 191 -21.66 -21.32 5.79
CA SER B 191 -22.39 -20.04 5.91
C SER B 191 -21.48 -18.88 6.24
N TRP B 192 -20.44 -19.13 7.02
CA TRP B 192 -19.44 -18.09 7.28
C TRP B 192 -18.66 -17.68 6.03
N VAL B 193 -18.38 -18.65 5.16
CA VAL B 193 -17.78 -18.34 3.86
C VAL B 193 -18.78 -17.49 3.06
N ARG B 194 -20.05 -17.88 3.08
CA ARG B 194 -21.08 -17.15 2.32
C ARG B 194 -21.18 -15.71 2.79
N ASN B 195 -21.24 -15.49 4.10
CA ASN B 195 -21.25 -14.13 4.63
C ASN B 195 -20.04 -13.32 4.15
N SER B 196 -18.86 -13.93 4.19
CA SER B 196 -17.60 -13.29 3.75
C SER B 196 -17.55 -12.94 2.25
N ASP B 197 -18.13 -13.81 1.43
CA ASP B 197 -18.26 -13.57 0.00
C ASP B 197 -19.11 -12.35 -0.26
N PHE B 198 -20.23 -12.26 0.47
CA PHE B 198 -21.18 -11.16 0.36
C PHE B 198 -20.51 -9.83 0.63
N GLN B 199 -19.74 -9.78 1.72
CA GLN B 199 -18.96 -8.59 2.06
C GLN B 199 -18.07 -8.24 0.90
N LEU B 200 -17.22 -9.18 0.52
CA LEU B 200 -16.25 -8.93 -0.53
C LEU B 200 -16.96 -8.59 -1.84
N HIS B 201 -18.01 -9.32 -2.16
CA HIS B 201 -18.74 -9.08 -3.39
C HIS B 201 -19.22 -7.65 -3.48
N GLU B 202 -19.93 -7.20 -2.46
CA GLU B 202 -20.59 -5.90 -2.51
C GLU B 202 -19.63 -4.72 -2.34
N ILE B 203 -18.68 -4.78 -1.41
CA ILE B 203 -17.78 -3.64 -1.24
C ILE B 203 -16.67 -3.63 -2.27
N GLN B 204 -15.92 -4.73 -2.34
CA GLN B 204 -14.78 -4.82 -3.26
C GLN B 204 -15.26 -4.85 -4.71
N TYR B 205 -15.88 -5.95 -5.12
CA TYR B 205 -16.03 -6.20 -6.56
C TYR B 205 -17.15 -5.38 -7.22
N HIS B 206 -18.16 -5.02 -6.42
CA HIS B 206 -19.29 -4.20 -6.91
C HIS B 206 -19.05 -2.68 -6.69
N LEU B 207 -19.10 -2.20 -5.45
CA LEU B 207 -18.89 -0.75 -5.22
C LEU B 207 -17.57 -0.27 -5.81
N LEU B 208 -16.46 -0.83 -5.35
CA LEU B 208 -15.15 -0.30 -5.71
C LEU B 208 -14.82 -0.55 -7.15
N ASN B 209 -14.75 -1.83 -7.53
CA ASN B 209 -14.25 -2.20 -8.85
C ASN B 209 -15.15 -1.72 -9.97
N THR B 210 -16.45 -1.59 -9.71
CA THR B 210 -17.38 -1.11 -10.71
C THR B 210 -17.67 0.37 -10.51
N HIS B 211 -18.43 0.70 -9.49
CA HIS B 211 -18.90 2.06 -9.35
C HIS B 211 -17.76 3.09 -9.20
N LEU B 212 -16.82 2.85 -8.28
CA LEU B 212 -15.76 3.84 -8.01
C LEU B 212 -14.74 3.96 -9.15
N VAL B 213 -14.48 2.84 -9.83
CA VAL B 213 -13.56 2.86 -11.00
C VAL B 213 -14.22 3.51 -12.20
N ALA B 214 -15.48 3.17 -12.46
CA ALA B 214 -16.24 3.87 -13.50
C ALA B 214 -16.30 5.38 -13.22
N GLU B 215 -16.39 5.76 -11.95
CA GLU B 215 -16.42 7.16 -11.59
C GLU B 215 -15.09 7.82 -11.86
N VAL B 216 -14.01 7.16 -11.48
CA VAL B 216 -12.68 7.68 -11.76
C VAL B 216 -12.53 7.85 -13.27
N ILE B 217 -12.93 6.84 -14.04
CA ILE B 217 -12.86 6.92 -15.51
C ILE B 217 -13.73 8.09 -16.03
N ALA B 218 -14.91 8.27 -15.45
CA ALA B 218 -15.82 9.31 -15.91
C ALA B 218 -15.29 10.73 -15.66
N VAL B 219 -14.98 11.06 -14.40
CA VAL B 219 -14.47 12.41 -14.08
C VAL B 219 -13.22 12.73 -14.89
N ALA B 220 -12.30 11.77 -14.92
CA ALA B 220 -11.07 11.88 -15.69
C ALA B 220 -11.36 12.23 -17.16
N THR B 221 -12.29 11.52 -17.80
CA THR B 221 -12.62 11.79 -19.20
C THR B 221 -13.09 13.22 -19.40
N MET B 222 -13.97 13.70 -18.51
CA MET B 222 -14.60 15.03 -18.67
C MET B 222 -13.60 16.19 -18.56
N ARG B 223 -12.57 16.04 -17.71
CA ARG B 223 -11.55 17.07 -17.53
C ARG B 223 -10.47 17.10 -18.60
N CYS B 224 -9.81 15.96 -18.80
CA CYS B 224 -8.63 15.89 -19.68
C CYS B 224 -8.94 15.82 -21.17
N LEU B 225 -10.15 15.42 -21.53
CA LEU B 225 -10.51 15.23 -22.94
C LEU B 225 -11.68 16.13 -23.39
N PRO B 226 -11.44 17.01 -24.37
CA PRO B 226 -12.51 17.82 -24.92
C PRO B 226 -13.61 16.98 -25.57
N GLY B 227 -14.84 17.45 -25.50
CA GLY B 227 -15.98 16.71 -26.02
C GLY B 227 -15.74 16.12 -27.39
N LEU B 228 -15.00 16.84 -28.24
CA LEU B 228 -14.79 16.44 -29.62
C LEU B 228 -13.60 15.49 -29.84
N HIS B 229 -12.78 15.29 -28.81
CA HIS B 229 -11.73 14.28 -28.85
C HIS B 229 -12.34 12.89 -29.12
N PRO B 230 -11.77 12.12 -30.06
CA PRO B 230 -12.39 10.84 -30.47
C PRO B 230 -12.57 9.81 -29.35
N ILE B 231 -11.61 9.68 -28.43
CA ILE B 231 -11.77 8.72 -27.34
C ILE B 231 -12.73 9.26 -26.25
N PHE B 232 -13.04 10.55 -26.26
CA PHE B 232 -14.15 11.07 -25.46
C PHE B 232 -15.46 10.60 -26.06
N LYS B 233 -15.61 10.81 -27.36
CA LYS B 233 -16.78 10.36 -28.09
C LYS B 233 -16.97 8.87 -27.95
N PHE B 234 -15.87 8.13 -27.83
CA PHE B 234 -15.92 6.67 -27.73
C PHE B 234 -16.47 6.16 -26.42
N LEU B 235 -16.02 6.80 -25.34
CA LEU B 235 -16.32 6.41 -23.99
C LEU B 235 -17.63 6.99 -23.49
N ILE B 236 -17.99 8.16 -24.00
CA ILE B 236 -19.08 8.96 -23.40
C ILE B 236 -20.38 8.20 -23.19
N PRO B 237 -20.80 7.37 -24.18
CA PRO B 237 -22.03 6.60 -24.00
C PRO B 237 -22.03 5.68 -22.79
N HIS B 238 -20.86 5.39 -22.23
CA HIS B 238 -20.77 4.42 -21.15
C HIS B 238 -20.60 5.06 -19.76
N ILE B 239 -20.76 6.38 -19.65
CA ILE B 239 -20.48 7.08 -18.40
C ILE B 239 -21.46 8.21 -18.06
N GLY B 269 -16.94 1.96 10.16
CA GLY B 269 -15.82 1.11 10.54
C GLY B 269 -15.63 -0.05 9.58
N GLY B 270 -16.63 -0.92 9.50
CA GLY B 270 -16.63 -2.11 8.63
C GLY B 270 -15.42 -2.14 7.70
N HIS B 271 -15.39 -1.43 6.57
CA HIS B 271 -16.49 -0.97 5.69
C HIS B 271 -15.85 0.16 4.93
N VAL B 272 -15.46 1.23 5.63
CA VAL B 272 -14.43 2.13 5.10
C VAL B 272 -13.11 1.36 5.05
N GLN B 273 -12.79 0.64 6.13
CA GLN B 273 -11.57 -0.16 6.17
C GLN B 273 -11.50 -1.12 4.99
N LEU B 274 -12.48 -2.01 4.89
CA LEU B 274 -12.61 -2.93 3.78
C LEU B 274 -12.48 -2.17 2.47
N LEU B 275 -13.25 -1.09 2.32
CA LEU B 275 -13.22 -0.33 1.08
C LEU B 275 -11.85 0.23 0.78
N ARG B 276 -11.16 0.74 1.80
CA ARG B 276 -9.82 1.30 1.63
C ARG B 276 -8.83 0.22 1.25
N ARG B 277 -8.87 -0.90 1.97
CA ARG B 277 -8.05 -2.07 1.67
C ARG B 277 -8.29 -2.61 0.26
N ALA B 278 -9.54 -2.69 -0.17
CA ALA B 278 -9.85 -3.03 -1.56
C ALA B 278 -9.20 -2.01 -2.48
N ALA B 279 -9.51 -0.74 -2.31
CA ALA B 279 -8.87 0.31 -3.11
C ALA B 279 -7.35 0.13 -3.14
N ALA B 280 -6.76 -0.19 -1.98
CA ALA B 280 -5.32 -0.42 -1.88
C ALA B 280 -4.90 -1.65 -2.66
N GLN B 281 -5.76 -2.65 -2.69
CA GLN B 281 -5.49 -3.91 -3.41
C GLN B 281 -5.67 -3.80 -4.95
N LEU B 282 -6.46 -2.84 -5.42
CA LEU B 282 -6.88 -2.78 -6.82
C LEU B 282 -5.69 -2.81 -7.81
N THR B 283 -5.75 -3.71 -8.79
CA THR B 283 -4.70 -3.84 -9.82
C THR B 283 -5.27 -3.83 -11.23
N TYR B 284 -4.41 -3.46 -12.18
CA TYR B 284 -4.81 -3.41 -13.58
C TYR B 284 -5.21 -4.80 -14.07
N CYS B 285 -4.37 -5.78 -13.76
CA CYS B 285 -4.63 -7.16 -14.10
C CYS B 285 -6.04 -7.62 -13.76
N SER B 286 -6.46 -7.31 -12.54
CA SER B 286 -7.73 -7.78 -12.00
C SER B 286 -8.97 -7.25 -12.72
N LEU B 287 -8.82 -6.11 -13.40
CA LEU B 287 -9.91 -5.50 -14.16
C LEU B 287 -9.81 -5.85 -15.63
N CYS B 288 -8.99 -6.85 -15.96
CA CYS B 288 -8.84 -7.33 -17.34
C CYS B 288 -9.02 -8.84 -17.40
N PRO B 289 -10.22 -9.31 -17.75
CA PRO B 289 -10.45 -10.73 -17.91
C PRO B 289 -9.24 -11.57 -18.36
N PRO B 290 -8.65 -11.32 -19.54
CA PRO B 290 -7.59 -12.27 -19.96
C PRO B 290 -6.43 -12.36 -18.96
N ASP B 291 -6.09 -11.25 -18.33
CA ASP B 291 -5.00 -11.22 -17.33
C ASP B 291 -5.45 -11.83 -16.02
N ASP B 292 -6.64 -11.42 -15.56
CA ASP B 292 -7.21 -11.84 -14.30
C ASP B 292 -7.42 -13.34 -14.30
N LEU B 293 -8.18 -13.81 -15.29
CA LEU B 293 -8.50 -15.23 -15.42
C LEU B 293 -7.26 -16.10 -15.60
N ALA B 294 -6.27 -15.59 -16.33
CA ALA B 294 -5.01 -16.31 -16.49
C ALA B 294 -4.34 -16.36 -15.13
N ASP B 295 -4.15 -15.19 -14.52
CA ASP B 295 -3.56 -15.09 -13.18
C ASP B 295 -4.27 -16.03 -12.20
N ARG B 296 -5.60 -15.99 -12.19
CA ARG B 296 -6.40 -16.87 -11.31
C ARG B 296 -6.47 -18.31 -11.80
N GLY B 297 -5.99 -18.57 -13.01
CA GLY B 297 -5.84 -19.94 -13.50
C GLY B 297 -7.16 -20.51 -13.94
N LEU B 298 -8.00 -19.67 -14.54
CA LEU B 298 -9.34 -20.09 -14.93
C LEU B 298 -9.54 -20.20 -16.42
N LEU B 299 -8.49 -19.96 -17.21
CA LEU B 299 -8.63 -20.04 -18.66
C LEU B 299 -9.04 -21.47 -19.06
N GLY B 300 -10.14 -21.58 -19.80
CA GLY B 300 -10.53 -22.85 -20.40
C GLY B 300 -11.04 -23.92 -19.45
N LEU B 301 -11.37 -23.55 -18.21
CA LEU B 301 -11.99 -24.50 -17.30
C LEU B 301 -13.40 -24.79 -17.82
N PRO B 302 -13.73 -26.08 -18.05
CA PRO B 302 -15.03 -26.45 -18.63
C PRO B 302 -16.25 -25.85 -17.93
N GLY B 303 -16.25 -25.83 -16.59
CA GLY B 303 -17.40 -25.32 -15.85
C GLY B 303 -17.41 -23.81 -15.60
N ALA B 304 -16.30 -23.14 -15.88
CA ALA B 304 -16.16 -21.72 -15.55
C ALA B 304 -16.88 -20.85 -16.57
N LEU B 305 -18.21 -20.82 -16.50
CA LEU B 305 -19.03 -20.11 -17.51
C LEU B 305 -18.80 -18.61 -17.52
N TYR B 306 -18.68 -17.98 -16.35
CA TYR B 306 -18.36 -16.56 -16.29
C TYR B 306 -17.04 -16.27 -17.02
N ALA B 307 -16.02 -17.08 -16.73
CA ALA B 307 -14.72 -16.96 -17.40
C ALA B 307 -14.90 -17.01 -18.92
N HIS B 308 -15.52 -18.08 -19.41
CA HIS B 308 -15.77 -18.24 -20.83
C HIS B 308 -16.49 -17.04 -21.43
N ASP B 309 -17.55 -16.59 -20.77
CA ASP B 309 -18.32 -15.44 -21.25
C ASP B 309 -17.60 -14.09 -21.14
N ALA B 310 -16.92 -13.85 -20.03
CA ALA B 310 -16.13 -12.61 -19.91
C ALA B 310 -15.06 -12.53 -20.99
N LEU B 311 -14.41 -13.66 -21.24
CA LEU B 311 -13.29 -13.73 -22.16
C LEU B 311 -13.71 -13.43 -23.59
N ARG B 312 -14.89 -13.93 -23.98
CA ARG B 312 -15.39 -13.68 -25.35
C ARG B 312 -15.73 -12.21 -25.53
N LEU B 313 -16.47 -11.64 -24.59
CA LEU B 313 -16.77 -10.20 -24.65
C LEU B 313 -15.50 -9.35 -24.69
N TRP B 314 -14.51 -9.69 -23.89
CA TRP B 314 -13.25 -8.96 -23.93
C TRP B 314 -12.82 -8.82 -25.38
N GLU B 315 -12.63 -9.96 -26.04
CA GLU B 315 -12.13 -9.94 -27.42
C GLU B 315 -13.09 -9.28 -28.40
N ILE B 316 -14.40 -9.44 -28.19
CA ILE B 316 -15.38 -8.70 -29.00
C ILE B 316 -15.19 -7.20 -28.80
N ILE B 317 -15.06 -6.76 -27.55
CA ILE B 317 -14.84 -5.35 -27.22
C ILE B 317 -13.47 -4.86 -27.71
N ALA B 318 -12.44 -5.68 -27.51
CA ALA B 318 -11.08 -5.36 -27.97
C ALA B 318 -11.08 -5.02 -29.46
N ARG B 319 -11.76 -5.85 -30.26
CA ARG B 319 -11.80 -5.67 -31.70
C ARG B 319 -12.44 -4.34 -32.07
N TYR B 320 -13.57 -4.05 -31.43
CA TYR B 320 -14.29 -2.79 -31.62
C TYR B 320 -13.42 -1.62 -31.19
N VAL B 321 -12.83 -1.70 -30.00
CA VAL B 321 -11.88 -0.69 -29.55
C VAL B 321 -10.79 -0.48 -30.61
N GLU B 322 -10.01 -1.53 -30.93
CA GLU B 322 -8.88 -1.36 -31.87
C GLU B 322 -9.32 -0.89 -33.27
N GLY B 323 -10.57 -1.21 -33.65
CA GLY B 323 -11.16 -0.73 -34.89
C GLY B 323 -11.33 0.78 -34.95
N ILE B 324 -11.81 1.36 -33.84
CA ILE B 324 -11.89 2.80 -33.72
C ILE B 324 -10.54 3.46 -33.53
N VAL B 325 -9.67 2.91 -32.68
CA VAL B 325 -8.43 3.61 -32.38
C VAL B 325 -7.48 3.58 -33.57
N HIS B 326 -7.48 2.48 -34.34
CA HIS B 326 -6.61 2.40 -35.51
C HIS B 326 -7.04 3.39 -36.59
N LEU B 327 -8.36 3.63 -36.70
CA LEU B 327 -8.87 4.67 -37.58
C LEU B 327 -8.31 6.01 -37.15
N PHE B 328 -8.59 6.39 -35.91
CA PHE B 328 -8.23 7.71 -35.42
C PHE B 328 -6.76 7.84 -35.07
N TYR B 329 -6.18 6.83 -34.45
CA TYR B 329 -4.72 6.80 -34.27
C TYR B 329 -4.15 5.80 -35.24
N GLN B 330 -3.50 6.28 -36.30
CA GLN B 330 -2.96 5.40 -37.32
C GLN B 330 -1.67 4.69 -36.87
N ARG B 331 -0.83 5.38 -36.10
CA ARG B 331 0.51 4.89 -35.74
C ARG B 331 0.83 5.15 -34.27
N ASP B 332 1.70 4.32 -33.71
CA ASP B 332 2.09 4.45 -32.30
C ASP B 332 2.57 5.85 -31.94
N ASP B 333 3.32 6.48 -32.84
CA ASP B 333 3.79 7.85 -32.65
C ASP B 333 2.67 8.82 -32.31
N ILE B 334 1.54 8.68 -32.99
CA ILE B 334 0.42 9.56 -32.75
C ILE B 334 -0.13 9.40 -31.32
N VAL B 335 -0.15 8.15 -30.84
CA VAL B 335 -0.52 7.85 -29.43
C VAL B 335 0.49 8.41 -28.42
N LYS B 336 1.78 8.13 -28.61
CA LYS B 336 2.83 8.65 -27.72
C LYS B 336 2.73 10.16 -27.68
N GLY B 337 2.37 10.76 -28.82
CA GLY B 337 2.37 12.21 -28.99
C GLY B 337 1.05 12.93 -28.81
N ASP B 338 0.13 12.36 -28.04
CA ASP B 338 -1.16 13.01 -27.75
C ASP B 338 -1.21 13.40 -26.27
N PRO B 339 -0.90 14.67 -25.96
CA PRO B 339 -0.75 15.09 -24.55
C PRO B 339 -2.04 15.06 -23.74
N GLU B 340 -3.18 15.31 -24.37
CA GLU B 340 -4.48 15.24 -23.71
C GLU B 340 -4.82 13.80 -23.31
N LEU B 341 -4.51 12.86 -24.19
CA LEU B 341 -4.71 11.43 -23.91
C LEU B 341 -3.73 10.96 -22.83
N GLN B 342 -2.56 11.60 -22.74
CA GLN B 342 -1.55 11.25 -21.73
C GLN B 342 -1.93 11.83 -20.37
N ALA B 343 -2.31 13.10 -20.35
CA ALA B 343 -2.97 13.71 -19.17
C ALA B 343 -4.09 12.81 -18.63
N TRP B 344 -4.96 12.37 -19.53
CA TRP B 344 -6.11 11.54 -19.18
C TRP B 344 -5.73 10.21 -18.54
N CYS B 345 -4.65 9.62 -19.05
CA CYS B 345 -4.10 8.38 -18.51
C CYS B 345 -3.58 8.59 -17.08
N ARG B 346 -2.85 9.67 -16.90
CA ARG B 346 -2.30 9.96 -15.59
C ARG B 346 -3.41 10.31 -14.63
N GLU B 347 -4.47 10.92 -15.17
CA GLU B 347 -5.61 11.35 -14.37
C GLU B 347 -6.38 10.17 -13.79
N ILE B 348 -6.41 9.06 -14.53
CA ILE B 348 -6.95 7.85 -13.97
C ILE B 348 -5.91 7.24 -13.04
N THR B 349 -4.80 6.77 -13.62
CA THR B 349 -3.78 6.00 -12.90
C THR B 349 -3.14 6.68 -11.67
N GLU B 350 -2.71 7.94 -11.82
CA GLU B 350 -1.97 8.62 -10.75
C GLU B 350 -2.90 9.37 -9.79
N VAL B 351 -3.78 10.24 -10.31
CA VAL B 351 -4.72 10.98 -9.47
C VAL B 351 -5.90 10.10 -9.04
N GLY B 352 -6.75 9.72 -9.99
CA GLY B 352 -8.00 9.06 -9.70
C GLY B 352 -7.88 7.79 -8.91
N LEU B 353 -6.90 6.95 -9.26
CA LEU B 353 -6.72 5.66 -8.59
C LEU B 353 -5.61 5.68 -7.56
N CYS B 354 -5.14 6.87 -7.19
CA CYS B 354 -4.11 7.07 -6.15
C CYS B 354 -2.78 6.33 -6.37
N GLN B 355 -1.97 6.81 -7.32
CA GLN B 355 -0.67 6.21 -7.60
C GLN B 355 -0.76 4.73 -7.93
N ALA B 356 -1.69 4.36 -8.80
CA ALA B 356 -1.96 2.96 -9.10
C ALA B 356 -0.93 2.31 -10.01
N GLN B 357 0.04 3.09 -10.54
CA GLN B 357 1.14 2.49 -11.31
C GLN B 357 1.84 1.42 -10.49
N ASP B 358 1.92 1.68 -9.19
CA ASP B 358 2.45 0.72 -8.24
C ASP B 358 1.76 -0.65 -8.37
N ARG B 359 0.51 -0.67 -8.84
CA ARG B 359 -0.29 -1.90 -9.00
C ARG B 359 -0.65 -2.25 -10.46
N GLY B 360 0.29 -2.03 -11.37
CA GLY B 360 0.16 -2.50 -12.74
C GLY B 360 -0.42 -1.51 -13.72
N PHE B 361 -0.91 -0.36 -13.23
CA PHE B 361 -1.59 0.61 -14.11
C PHE B 361 -0.59 1.47 -14.92
N PRO B 362 -0.95 1.82 -16.17
CA PRO B 362 -0.09 2.61 -17.02
C PRO B 362 -0.07 4.12 -16.73
N VAL B 363 1.11 4.72 -16.69
CA VAL B 363 1.28 6.18 -16.57
C VAL B 363 1.28 6.85 -17.95
N SER B 364 1.43 6.08 -19.01
CA SER B 364 1.34 6.61 -20.37
C SER B 364 0.86 5.56 -21.38
N PHE B 365 0.69 5.97 -22.63
CA PHE B 365 0.49 5.01 -23.73
C PHE B 365 1.58 5.28 -24.74
N GLN B 366 2.47 4.29 -24.92
CA GLN B 366 3.55 4.36 -25.90
C GLN B 366 3.20 3.69 -27.22
N SER B 367 2.00 3.12 -27.31
CA SER B 367 1.60 2.41 -28.52
C SER B 367 0.08 2.26 -28.59
N GLN B 368 -0.42 2.01 -29.79
CA GLN B 368 -1.83 1.68 -30.03
C GLN B 368 -2.39 0.52 -29.22
N SER B 369 -1.68 -0.59 -29.20
CA SER B 369 -2.17 -1.78 -28.53
C SER B 369 -2.20 -1.58 -27.02
N GLN B 370 -1.26 -0.83 -26.51
CA GLN B 370 -1.28 -0.46 -25.10
C GLN B 370 -2.58 0.31 -24.78
N LEU B 371 -2.86 1.34 -25.58
CA LEU B 371 -4.08 2.11 -25.46
C LEU B 371 -5.36 1.27 -25.66
N CYS B 372 -5.39 0.41 -26.66
CA CYS B 372 -6.53 -0.49 -26.83
C CYS B 372 -6.77 -1.34 -25.59
N HIS B 373 -5.71 -1.94 -25.06
CA HIS B 373 -5.84 -2.80 -23.88
C HIS B 373 -6.57 -2.04 -22.77
N PHE B 374 -6.21 -0.76 -22.60
CA PHE B 374 -6.77 0.11 -21.55
C PHE B 374 -8.22 0.54 -21.83
N LEU B 375 -8.50 0.95 -23.07
CA LEU B 375 -9.88 1.32 -23.44
C LEU B 375 -10.85 0.16 -23.31
N THR B 376 -10.39 -1.05 -23.64
CA THR B 376 -11.20 -2.28 -23.52
C THR B 376 -11.52 -2.56 -22.07
N MET B 377 -10.57 -2.29 -21.18
CA MET B 377 -10.77 -2.44 -19.75
C MET B 377 -11.85 -1.48 -19.29
N CYS B 378 -11.78 -0.24 -19.77
CA CYS B 378 -12.76 0.79 -19.39
C CYS B 378 -14.16 0.41 -19.79
N VAL B 379 -14.32 0.00 -21.04
CA VAL B 379 -15.61 -0.37 -21.56
C VAL B 379 -16.12 -1.62 -20.86
N PHE B 380 -15.24 -2.60 -20.68
CA PHE B 380 -15.64 -3.84 -20.02
C PHE B 380 -16.07 -3.63 -18.57
N THR B 381 -15.37 -2.76 -17.83
CA THR B 381 -15.71 -2.57 -16.42
C THR B 381 -17.00 -1.74 -16.31
N CYS B 382 -17.11 -0.65 -17.07
CA CYS B 382 -18.35 0.13 -17.08
C CYS B 382 -19.59 -0.57 -17.61
N THR B 383 -19.41 -1.66 -18.38
CA THR B 383 -20.54 -2.37 -18.99
C THR B 383 -20.61 -3.85 -18.57
N ALA B 384 -19.80 -4.69 -19.20
CA ALA B 384 -19.78 -6.14 -18.98
C ALA B 384 -19.70 -6.54 -17.51
N GLN B 385 -18.72 -5.98 -16.79
CA GLN B 385 -18.44 -6.45 -15.44
C GLN B 385 -19.54 -6.06 -14.49
N HIS B 386 -20.13 -4.89 -14.67
CA HIS B 386 -21.22 -4.50 -13.77
C HIS B 386 -22.40 -5.47 -13.91
N ALA B 387 -22.68 -5.96 -15.12
CA ALA B 387 -23.77 -6.91 -15.31
C ALA B 387 -23.43 -8.24 -14.65
N ALA B 388 -22.22 -8.71 -14.84
CA ALA B 388 -21.74 -9.95 -14.21
C ALA B 388 -21.80 -9.89 -12.67
N ILE B 389 -21.60 -8.71 -12.09
CA ILE B 389 -21.47 -8.56 -10.64
C ILE B 389 -22.78 -8.17 -9.96
N ASN B 390 -23.74 -7.64 -10.73
CA ASN B 390 -24.96 -7.08 -10.14
C ASN B 390 -26.27 -7.82 -10.51
N GLN B 391 -26.37 -8.34 -11.73
CA GLN B 391 -27.56 -9.08 -12.15
C GLN B 391 -27.89 -10.32 -11.29
N GLY B 392 -26.89 -10.90 -10.62
CA GLY B 392 -27.09 -12.10 -9.80
C GLY B 392 -27.67 -11.91 -8.41
N GLN B 393 -27.72 -10.65 -7.98
CA GLN B 393 -28.15 -10.27 -6.62
C GLN B 393 -29.47 -10.94 -6.22
N LEU B 394 -30.47 -10.81 -7.09
CA LEU B 394 -31.78 -11.39 -6.84
C LEU B 394 -31.69 -12.90 -6.85
N ASP B 395 -31.17 -13.45 -7.93
CA ASP B 395 -31.08 -14.89 -8.08
C ASP B 395 -30.43 -15.56 -6.87
N TRP B 396 -29.32 -15.00 -6.40
CA TRP B 396 -28.51 -15.67 -5.38
C TRP B 396 -28.75 -15.19 -3.94
N TYR B 397 -29.23 -13.95 -3.77
CA TYR B 397 -29.36 -13.35 -2.40
C TYR B 397 -30.78 -13.28 -1.86
N ALA B 398 -31.77 -13.56 -2.70
CA ALA B 398 -33.16 -13.53 -2.29
C ALA B 398 -33.35 -14.48 -1.12
N TRP B 399 -32.93 -15.73 -1.31
CA TRP B 399 -32.90 -16.70 -0.23
C TRP B 399 -31.71 -16.41 0.69
N VAL B 400 -31.98 -15.68 1.76
CA VAL B 400 -30.92 -15.10 2.57
C VAL B 400 -29.87 -16.06 3.08
N PRO B 401 -30.28 -17.18 3.70
CA PRO B 401 -29.31 -18.14 4.28
C PRO B 401 -28.17 -18.56 3.33
N ASN B 402 -28.38 -18.40 2.03
CA ASN B 402 -27.33 -18.67 1.07
C ASN B 402 -26.30 -17.56 0.94
N ALA B 403 -26.70 -16.32 1.20
CA ALA B 403 -25.74 -15.20 1.17
C ALA B 403 -26.09 -14.22 2.27
N PRO B 404 -25.89 -14.65 3.53
CA PRO B 404 -26.25 -13.83 4.70
C PRO B 404 -25.41 -12.59 4.78
N CYS B 405 -26.06 -11.44 4.89
CA CYS B 405 -25.39 -10.15 4.84
C CYS B 405 -24.64 -9.85 6.13
N THR B 406 -25.00 -10.55 7.19
CA THR B 406 -24.38 -10.31 8.46
C THR B 406 -24.47 -11.54 9.35
N MET B 407 -23.77 -11.48 10.49
CA MET B 407 -23.70 -12.59 11.41
C MET B 407 -23.81 -12.05 12.81
N ARG B 408 -24.62 -12.67 13.65
CA ARG B 408 -24.94 -12.12 14.95
C ARG B 408 -24.37 -12.97 16.07
N MET B 409 -23.33 -13.73 15.75
CA MET B 409 -22.57 -14.48 16.75
C MET B 409 -21.16 -14.60 16.21
N PRO B 410 -20.18 -14.85 17.09
CA PRO B 410 -18.84 -15.08 16.59
C PRO B 410 -18.79 -16.47 15.96
N PRO B 411 -17.82 -16.71 15.06
CA PRO B 411 -17.67 -18.03 14.49
C PRO B 411 -17.45 -19.11 15.53
N PRO B 412 -17.81 -20.35 15.19
CA PRO B 412 -17.55 -21.43 16.10
C PRO B 412 -16.05 -21.71 16.16
N THR B 413 -15.61 -22.33 17.24
CA THR B 413 -14.22 -22.67 17.38
C THR B 413 -14.02 -24.17 17.33
N THR B 414 -15.07 -24.92 17.62
CA THR B 414 -15.01 -26.36 17.40
C THR B 414 -16.11 -26.72 16.41
N LYS B 415 -16.14 -28.00 16.05
CA LYS B 415 -17.17 -28.54 15.14
C LYS B 415 -18.16 -29.33 15.99
N GLU B 416 -18.26 -28.91 17.24
CA GLU B 416 -18.91 -29.68 18.29
C GLU B 416 -19.99 -28.85 18.94
N ASP B 417 -21.09 -29.50 19.30
CA ASP B 417 -22.22 -28.85 19.95
C ASP B 417 -22.84 -27.72 19.14
N VAL B 418 -22.75 -27.74 17.80
CA VAL B 418 -23.42 -26.70 17.01
C VAL B 418 -24.81 -27.22 16.65
N THR B 419 -25.82 -26.54 17.19
CA THR B 419 -27.21 -26.93 17.07
C THR B 419 -27.95 -25.94 16.17
N MET B 420 -29.27 -26.07 16.12
CA MET B 420 -30.07 -25.18 15.31
C MET B 420 -30.13 -23.81 15.94
N ALA B 421 -30.09 -23.78 17.26
CA ALA B 421 -29.90 -22.53 17.99
C ALA B 421 -28.70 -21.78 17.43
N THR B 422 -27.56 -22.49 17.35
CA THR B 422 -26.33 -21.89 16.88
C THR B 422 -26.52 -21.22 15.53
N VAL B 423 -27.05 -21.97 14.56
CA VAL B 423 -27.20 -21.44 13.21
C VAL B 423 -28.13 -20.22 13.20
N MET B 424 -29.34 -20.40 13.73
CA MET B 424 -30.32 -19.33 13.80
C MET B 424 -29.80 -18.08 14.51
N GLY B 425 -29.17 -18.27 15.67
CA GLY B 425 -28.59 -17.16 16.41
C GLY B 425 -27.49 -16.42 15.65
N SER B 426 -26.74 -17.14 14.83
CA SER B 426 -25.64 -16.56 14.05
C SER B 426 -26.10 -15.93 12.72
N LEU B 427 -27.02 -16.57 12.02
CA LEU B 427 -27.63 -15.97 10.83
C LEU B 427 -28.39 -14.67 11.19
N PRO B 428 -28.68 -13.79 10.21
CA PRO B 428 -29.34 -12.49 10.40
C PRO B 428 -30.77 -12.52 10.97
N ASP B 429 -31.17 -11.39 11.57
CA ASP B 429 -32.59 -11.07 11.90
C ASP B 429 -33.51 -11.21 10.69
N VAL B 430 -34.81 -11.29 10.98
CA VAL B 430 -35.84 -11.07 9.97
C VAL B 430 -35.72 -9.64 9.42
N ARG B 431 -35.41 -8.69 10.30
CA ARG B 431 -35.17 -7.30 9.93
C ARG B 431 -34.09 -7.16 8.86
N GLN B 432 -32.91 -7.68 9.17
CA GLN B 432 -31.75 -7.63 8.28
C GLN B 432 -31.99 -8.49 7.07
N ALA B 433 -32.35 -9.75 7.28
CA ALA B 433 -32.68 -10.64 6.17
C ALA B 433 -33.57 -9.95 5.12
N CYS B 434 -34.65 -9.33 5.56
CA CYS B 434 -35.61 -8.76 4.61
C CYS B 434 -35.15 -7.43 4.01
N LEU B 435 -34.45 -6.61 4.78
CA LEU B 435 -33.85 -5.39 4.25
C LEU B 435 -32.76 -5.75 3.23
N GLN B 436 -32.14 -6.91 3.39
CA GLN B 436 -31.26 -7.44 2.35
C GLN B 436 -32.07 -7.72 1.09
N MET B 437 -33.10 -8.56 1.22
CA MET B 437 -33.95 -8.96 0.09
C MET B 437 -34.44 -7.77 -0.69
N ALA B 438 -34.89 -6.74 0.02
CA ALA B 438 -35.35 -5.53 -0.63
C ALA B 438 -34.19 -4.86 -1.35
N ILE B 439 -33.10 -4.61 -0.64
CA ILE B 439 -31.97 -3.94 -1.23
C ILE B 439 -31.49 -4.66 -2.50
N SER B 440 -31.47 -5.98 -2.47
CA SER B 440 -30.97 -6.72 -3.63
C SER B 440 -31.99 -6.71 -4.77
N TRP B 441 -33.27 -6.66 -4.45
CA TRP B 441 -34.29 -6.58 -5.50
C TRP B 441 -34.14 -5.28 -6.28
N HIS B 442 -33.83 -4.21 -5.57
CA HIS B 442 -33.65 -2.90 -6.17
C HIS B 442 -32.39 -2.85 -7.01
N LEU B 443 -31.26 -3.17 -6.39
CA LEU B 443 -29.96 -3.18 -7.08
C LEU B 443 -30.00 -3.92 -8.42
N SER B 444 -30.81 -4.96 -8.55
CA SER B 444 -30.82 -5.75 -9.78
C SER B 444 -32.07 -5.50 -10.63
N ARG B 445 -32.12 -4.34 -11.27
CA ARG B 445 -33.23 -3.96 -12.14
C ARG B 445 -32.81 -3.03 -13.27
N MET B 450 -33.90 0.72 -21.37
CA MET B 450 -32.47 0.87 -21.18
C MET B 450 -31.72 0.34 -22.39
N VAL B 451 -30.57 0.95 -22.67
CA VAL B 451 -29.80 0.66 -23.87
C VAL B 451 -28.80 -0.48 -23.61
N PRO B 452 -28.89 -1.57 -24.40
CA PRO B 452 -27.89 -2.64 -24.30
C PRO B 452 -26.54 -2.25 -24.87
N LEU B 453 -25.53 -3.08 -24.63
CA LEU B 453 -24.17 -2.78 -25.07
C LEU B 453 -24.10 -2.56 -26.58
N GLY B 454 -23.51 -1.44 -26.97
CA GLY B 454 -23.25 -1.11 -28.37
C GLY B 454 -24.46 -0.64 -29.16
N HIS B 455 -25.49 -0.14 -28.48
CA HIS B 455 -26.72 0.25 -29.17
C HIS B 455 -27.09 1.73 -29.03
N HIS B 456 -26.24 2.54 -28.40
CA HIS B 456 -26.45 3.99 -28.36
C HIS B 456 -26.72 4.44 -29.78
N LYS B 457 -27.82 5.16 -29.99
CA LYS B 457 -28.32 5.39 -31.36
C LYS B 457 -27.74 6.67 -31.99
N GLU B 458 -27.64 7.73 -31.20
CA GLU B 458 -27.02 8.99 -31.69
C GLU B 458 -25.60 8.75 -32.19
N LYS B 459 -25.22 9.46 -33.25
CA LYS B 459 -23.91 9.26 -33.85
C LYS B 459 -22.95 10.37 -33.44
N TYR B 460 -21.82 9.97 -32.87
CA TYR B 460 -20.76 10.90 -32.48
C TYR B 460 -19.66 10.99 -33.53
N PHE B 461 -19.51 9.93 -34.34
CA PHE B 461 -18.40 9.82 -35.27
C PHE B 461 -18.77 10.06 -36.73
N SER B 462 -17.71 10.15 -37.53
CA SER B 462 -17.73 10.39 -38.96
C SER B 462 -18.85 9.66 -39.72
N GLY B 463 -18.52 8.58 -40.43
CA GLY B 463 -19.51 7.88 -41.26
C GLY B 463 -19.06 6.47 -41.60
N PRO B 464 -18.81 6.20 -42.89
CA PRO B 464 -18.51 4.84 -43.38
C PRO B 464 -17.63 3.98 -42.45
N LYS B 465 -16.36 4.34 -42.24
CA LYS B 465 -15.42 3.45 -41.54
C LYS B 465 -15.78 3.19 -40.07
N PRO B 466 -15.97 4.26 -39.27
CA PRO B 466 -16.42 4.01 -37.88
C PRO B 466 -17.74 3.23 -37.77
N LYS B 467 -18.78 3.68 -38.46
CA LYS B 467 -20.08 3.00 -38.40
C LYS B 467 -19.93 1.52 -38.72
N ALA B 468 -19.02 1.22 -39.65
CA ALA B 468 -18.67 -0.16 -39.98
C ALA B 468 -18.15 -0.92 -38.78
N VAL B 469 -17.32 -0.28 -37.96
CA VAL B 469 -16.74 -0.93 -36.78
C VAL B 469 -17.84 -1.25 -35.77
N LEU B 470 -18.74 -0.29 -35.58
CA LEU B 470 -19.83 -0.43 -34.63
C LEU B 470 -20.80 -1.55 -35.01
N ASN B 471 -21.07 -1.69 -36.31
CA ASN B 471 -21.93 -2.78 -36.81
C ASN B 471 -21.30 -4.15 -36.61
N GLN B 472 -19.97 -4.22 -36.73
CA GLN B 472 -19.23 -5.45 -36.44
C GLN B 472 -19.34 -5.81 -34.95
N PHE B 473 -19.10 -4.80 -34.10
CA PHE B 473 -19.28 -4.96 -32.66
C PHE B 473 -20.65 -5.55 -32.37
N ARG B 474 -21.69 -4.96 -32.97
CA ARG B 474 -23.06 -5.41 -32.74
C ARG B 474 -23.30 -6.83 -33.24
N THR B 475 -22.82 -7.16 -34.44
CA THR B 475 -23.02 -8.49 -35.00
C THR B 475 -22.20 -9.55 -34.25
N ASP B 476 -21.00 -9.18 -33.82
CA ASP B 476 -20.19 -10.04 -32.96
C ASP B 476 -20.89 -10.30 -31.63
N LEU B 477 -21.58 -9.28 -31.11
CA LEU B 477 -22.30 -9.41 -29.84
C LEU B 477 -23.50 -10.32 -29.98
N GLU B 478 -24.27 -10.16 -31.06
CA GLU B 478 -25.49 -10.93 -31.24
C GLU B 478 -25.16 -12.40 -31.52
N LYS B 479 -23.98 -12.65 -32.07
CA LYS B 479 -23.53 -14.03 -32.28
C LYS B 479 -22.95 -14.68 -31.01
N LEU B 480 -22.50 -13.90 -30.04
CA LEU B 480 -22.16 -14.45 -28.74
C LEU B 480 -23.44 -14.79 -27.99
N GLU B 481 -24.43 -13.90 -28.14
CA GLU B 481 -25.75 -14.07 -27.52
C GLU B 481 -26.35 -15.40 -27.91
N LYS B 482 -26.39 -15.65 -29.22
CA LYS B 482 -26.87 -16.92 -29.75
C LYS B 482 -26.02 -18.07 -29.22
N GLU B 483 -24.73 -17.84 -29.09
CA GLU B 483 -23.81 -18.85 -28.57
C GLU B 483 -24.04 -19.15 -27.10
N ILE B 484 -24.50 -18.15 -26.35
CA ILE B 484 -24.79 -18.32 -24.92
C ILE B 484 -26.18 -18.93 -24.70
N THR B 485 -27.20 -18.38 -25.36
CA THR B 485 -28.56 -18.96 -25.31
C THR B 485 -28.53 -20.43 -25.71
N ALA B 486 -27.74 -20.74 -26.72
CA ALA B 486 -27.52 -22.12 -27.15
C ALA B 486 -27.18 -23.02 -25.97
N ARG B 487 -26.08 -22.71 -25.28
CA ARG B 487 -25.61 -23.61 -24.22
C ARG B 487 -26.44 -23.48 -22.95
N ASN B 488 -27.02 -22.32 -22.70
CA ASN B 488 -27.89 -22.14 -21.55
C ASN B 488 -29.13 -23.02 -21.64
N GLU B 489 -29.64 -23.22 -22.87
CA GLU B 489 -30.74 -24.16 -23.14
C GLU B 489 -30.40 -25.50 -22.49
N GLN B 490 -29.19 -25.96 -22.76
CA GLN B 490 -28.77 -27.31 -22.39
C GLN B 490 -28.11 -27.39 -21.01
N LEU B 491 -28.68 -26.71 -20.01
CA LEU B 491 -28.10 -26.67 -18.66
C LEU B 491 -29.16 -26.43 -17.59
N ASP B 492 -29.09 -27.22 -16.53
CA ASP B 492 -29.91 -26.99 -15.33
C ASP B 492 -29.58 -25.65 -14.65
N TRP B 493 -28.33 -25.21 -14.75
CA TRP B 493 -27.88 -23.99 -14.09
C TRP B 493 -27.31 -22.99 -15.10
N PRO B 494 -28.20 -22.38 -15.91
CA PRO B 494 -27.73 -21.49 -16.94
C PRO B 494 -27.05 -20.29 -16.33
N TYR B 495 -25.94 -19.87 -16.91
CA TYR B 495 -25.31 -18.63 -16.53
C TYR B 495 -25.65 -17.57 -17.57
N GLU B 496 -26.23 -16.46 -17.14
CA GLU B 496 -26.67 -15.43 -18.10
C GLU B 496 -26.41 -13.98 -17.76
N TYR B 497 -25.60 -13.70 -16.75
CA TYR B 497 -25.38 -12.31 -16.37
C TYR B 497 -24.55 -11.54 -17.41
N LEU B 498 -24.00 -12.26 -18.40
CA LEU B 498 -23.22 -11.65 -19.48
C LEU B 498 -23.80 -11.86 -20.89
N LYS B 499 -25.09 -12.16 -21.01
CA LYS B 499 -25.74 -12.16 -22.33
C LYS B 499 -25.77 -10.72 -22.85
N PRO B 500 -25.05 -10.43 -23.95
CA PRO B 500 -24.92 -9.07 -24.47
C PRO B 500 -26.21 -8.26 -24.43
N SER B 501 -27.33 -8.93 -24.70
CA SER B 501 -28.65 -8.29 -24.76
C SER B 501 -29.08 -7.67 -23.44
N CYS B 502 -28.54 -8.15 -22.33
CA CYS B 502 -28.91 -7.65 -21.02
C CYS B 502 -27.76 -6.93 -20.33
N ILE B 503 -26.68 -6.67 -21.06
CA ILE B 503 -25.60 -5.84 -20.55
C ILE B 503 -25.96 -4.39 -20.88
N GLU B 504 -26.09 -3.58 -19.85
CA GLU B 504 -26.37 -2.15 -19.99
C GLU B 504 -25.17 -1.45 -20.63
N ASN B 505 -25.44 -0.46 -21.49
CA ASN B 505 -24.40 0.22 -22.27
C ASN B 505 -23.58 1.22 -21.44
N SER B 506 -24.03 1.52 -20.22
CA SER B 506 -23.27 2.34 -19.28
C SER B 506 -23.45 1.82 -17.85
N VAL B 507 -22.87 2.52 -16.89
CA VAL B 507 -23.03 2.14 -15.48
C VAL B 507 -24.20 2.90 -14.87
N THR B 508 -25.39 2.71 -15.44
CA THR B 508 -26.62 3.37 -14.99
C THR B 508 -27.75 2.36 -14.87
#